data_6LIO
#
_entry.id   6LIO
#
_cell.length_a   56.949
_cell.length_b   95.122
_cell.length_c   162.503
_cell.angle_alpha   90.000
_cell.angle_beta   90.000
_cell.angle_gamma   90.000
#
_symmetry.space_group_name_H-M   'P 21 21 21'
#
loop_
_entity.id
_entity.type
_entity.pdbx_description
1 polymer '[Pyruvate dehydrogenase (acetyl-transferring)] kinase isozyme 2, mitochondrial'
2 non-polymer GLYCEROL
3 non-polymer 'SULFATE ION'
4 non-polymer '4-[[[5-[5-chloranyl-2,4-bis(oxidanyl)phenyl]-4-[4-(1-methylsulfonylpiperidin-4-yl)oxyphenyl]-1,2-oxazol-3-yl]carbonylamino]methyl]cyclohexane-1-carboxylic acid'
5 water water
#
_entity_poly.entity_id   1
_entity_poly.type   'polypeptide(L)'
_entity_poly.pdbx_seq_one_letter_code
;MAGSHHHHHHGMASMTGGQQMGRSGDDDDKALLKNASLAGAPKYIEHFSKFSPSPLSMKQFLDFGSSNACEKTSFTFLRQ
ELPVRLANIMKEINLLPDRVLSTPSVQLVQSWYVQSLLDIMEFLDKDPEDHRTLSQFTDALVTIRNRHNDVVPTMAQGVL
EYKDTYGDDPVSNQNIQYFLDRFYLSRISIRMLINQHTLIFDGSTNPAHPKHIGSIDPNCNVSEVVKDAYDMAKLLCDKY
YMASPDLEIQEINAANSKQPIHMVYVPSHLYHMLFELFKNAMRATVESHESSLILPPIKVMVALGEEDLSIKMSDRGGGV
PLRKIERLFSYMYSTAPTPQPGTGGTPLAGFGYGLPISRLYAKYFQGDLQLFSMEGFGTDAVIYLKALSTDSVERLPVYN
KSAWRHYQTIQ
;
_entity_poly.pdbx_strand_id   A,B
#
loop_
_chem_comp.id
_chem_comp.type
_chem_comp.name
_chem_comp.formula
EH3 non-polymer '4-[[[5-[5-chloranyl-2,4-bis(oxidanyl)phenyl]-4-[4-(1-methylsulfonylpiperidin-4-yl)oxyphenyl]-1,2-oxazol-3-yl]carbonylamino]methyl]cyclohexane-1-carboxylic acid' 'C30 H34 Cl N3 O9 S'
GOL non-polymer GLYCEROL 'C3 H8 O3'
SO4 non-polymer 'SULFATE ION' 'O4 S -2'
#
# COMPACT_ATOMS: atom_id res chain seq x y z
N ALA A 39 -11.92 -33.94 25.70
CA ALA A 39 -11.90 -35.42 25.81
C ALA A 39 -10.61 -35.94 25.14
N GLY A 40 -9.45 -35.44 25.60
CA GLY A 40 -8.14 -35.63 24.95
C GLY A 40 -7.72 -34.42 24.13
N ALA A 41 -8.67 -33.52 23.85
CA ALA A 41 -8.52 -32.37 22.91
C ALA A 41 -7.25 -31.56 23.20
N PRO A 42 -6.99 -31.07 24.43
CA PRO A 42 -5.78 -30.30 24.69
C PRO A 42 -4.50 -31.01 24.23
N LYS A 43 -4.42 -32.33 24.37
CA LYS A 43 -3.22 -33.12 23.99
C LYS A 43 -3.05 -33.05 22.47
N TYR A 44 -4.14 -33.30 21.74
CA TYR A 44 -4.16 -33.31 20.26
C TYR A 44 -3.84 -31.91 19.74
N ILE A 45 -4.46 -30.88 20.31
CA ILE A 45 -4.21 -29.46 19.90
C ILE A 45 -2.73 -29.17 20.07
N GLU A 46 -2.19 -29.57 21.21
CA GLU A 46 -0.77 -29.26 21.55
C GLU A 46 0.16 -29.87 20.49
N HIS A 47 -0.04 -31.17 20.19
CA HIS A 47 0.79 -31.95 19.25
C HIS A 47 0.71 -31.35 17.83
N PHE A 48 -0.50 -31.17 17.29
CA PHE A 48 -0.70 -30.78 15.86
C PHE A 48 -0.31 -29.32 15.65
N SER A 49 -0.36 -28.50 16.70
CA SER A 49 -0.01 -27.07 16.69
C SER A 49 1.47 -26.86 16.36
N LYS A 50 2.31 -27.88 16.61
CA LYS A 50 3.78 -27.75 16.45
C LYS A 50 4.14 -27.73 14.97
N PHE A 51 3.31 -28.33 14.12
CA PHE A 51 3.56 -28.47 12.66
C PHE A 51 3.15 -27.17 11.93
N SER A 52 3.83 -26.84 10.83
CA SER A 52 3.41 -25.81 9.86
C SER A 52 2.36 -26.37 8.92
N PRO A 53 1.27 -25.61 8.63
CA PRO A 53 0.39 -25.97 7.52
C PRO A 53 1.24 -26.15 6.26
N SER A 54 0.88 -27.11 5.42
CA SER A 54 1.53 -27.35 4.11
C SER A 54 0.69 -26.75 3.00
N PRO A 55 1.15 -25.65 2.36
CA PRO A 55 0.39 -25.03 1.29
C PRO A 55 0.47 -25.79 -0.03
N LEU A 56 -0.66 -25.90 -0.73
CA LEU A 56 -0.75 -26.49 -2.08
C LEU A 56 -0.86 -25.41 -3.13
N SER A 57 -0.34 -25.67 -4.33
CA SER A 57 -0.67 -24.89 -5.53
C SER A 57 -2.00 -25.36 -6.06
N MET A 58 -2.66 -24.49 -6.81
CA MET A 58 -3.83 -24.85 -7.64
C MET A 58 -3.49 -26.09 -8.48
N LYS A 59 -2.29 -26.15 -9.04
CA LYS A 59 -1.89 -27.30 -9.88
C LYS A 59 -1.82 -28.55 -9.00
N GLN A 60 -1.29 -28.49 -7.78
CA GLN A 60 -1.29 -29.67 -6.88
C GLN A 60 -2.74 -30.08 -6.51
N PHE A 61 -3.64 -29.13 -6.24
CA PHE A 61 -5.09 -29.46 -6.07
C PHE A 61 -5.59 -30.25 -7.26
N LEU A 62 -5.25 -29.82 -8.47
CA LEU A 62 -5.70 -30.54 -9.68
C LEU A 62 -5.12 -31.95 -9.69
N ASP A 63 -3.84 -32.13 -9.36
CA ASP A 63 -3.19 -33.46 -9.30
C ASP A 63 -3.97 -34.38 -8.33
N PHE A 64 -4.33 -33.86 -7.15
CA PHE A 64 -5.11 -34.64 -6.13
C PHE A 64 -6.48 -35.08 -6.67
N GLY A 65 -7.05 -34.32 -7.59
CA GLY A 65 -8.36 -34.62 -8.18
C GLY A 65 -8.28 -35.24 -9.54
N SER A 66 -7.10 -35.71 -9.98
CA SER A 66 -6.88 -36.28 -11.33
C SER A 66 -6.66 -37.80 -11.27
N SER A 67 -6.34 -38.39 -12.43
CA SER A 67 -5.85 -39.78 -12.62
C SER A 67 -4.43 -40.00 -12.07
N ASN A 68 -3.74 -38.93 -11.67
CA ASN A 68 -2.38 -38.99 -11.08
C ASN A 68 -2.42 -39.34 -9.60
N ALA A 69 -3.59 -39.20 -8.99
CA ALA A 69 -3.80 -39.47 -7.56
C ALA A 69 -5.00 -40.37 -7.43
N CYS A 70 -5.27 -40.81 -6.21
CA CYS A 70 -6.51 -41.53 -5.89
C CYS A 70 -7.05 -41.04 -4.53
N GLU A 71 -8.18 -41.58 -4.15
CA GLU A 71 -8.87 -41.30 -2.87
C GLU A 71 -7.96 -41.58 -1.68
N LYS A 72 -7.19 -42.68 -1.70
CA LYS A 72 -6.27 -43.03 -0.60
C LYS A 72 -5.24 -41.90 -0.37
N THR A 73 -4.70 -41.30 -1.43
CA THR A 73 -3.73 -40.19 -1.37
C THR A 73 -4.36 -38.99 -0.64
N SER A 74 -5.59 -38.64 -1.01
CA SER A 74 -6.30 -37.48 -0.42
C SER A 74 -6.53 -37.76 1.06
N PHE A 75 -6.97 -38.97 1.40
CA PHE A 75 -7.16 -39.40 2.80
C PHE A 75 -5.86 -39.23 3.58
N THR A 76 -4.72 -39.77 3.09
CA THR A 76 -3.48 -39.84 3.91
C THR A 76 -2.96 -38.42 4.09
N PHE A 77 -3.12 -37.58 3.07
CA PHE A 77 -2.77 -36.14 3.19
C PHE A 77 -3.66 -35.47 4.24
N LEU A 78 -4.99 -35.59 4.09
CA LEU A 78 -5.97 -34.79 4.90
C LEU A 78 -6.02 -35.27 6.36
N ARG A 79 -5.79 -36.55 6.64
CA ARG A 79 -5.89 -36.99 8.05
C ARG A 79 -4.74 -36.42 8.87
N GLN A 80 -3.63 -35.98 8.22
CA GLN A 80 -2.56 -35.20 8.89
C GLN A 80 -2.80 -33.69 8.71
N GLU A 81 -3.10 -33.23 7.50
CA GLU A 81 -3.15 -31.77 7.23
C GLU A 81 -4.32 -31.09 7.96
N LEU A 82 -5.50 -31.68 7.99
CA LEU A 82 -6.67 -31.02 8.63
C LEU A 82 -6.42 -30.83 10.12
N PRO A 83 -5.94 -31.85 10.87
CA PRO A 83 -5.55 -31.62 12.27
C PRO A 83 -4.51 -30.52 12.44
N VAL A 84 -3.49 -30.44 11.59
CA VAL A 84 -2.48 -29.36 11.70
C VAL A 84 -3.18 -27.99 11.57
N ARG A 85 -4.02 -27.84 10.54
CA ARG A 85 -4.64 -26.50 10.29
C ARG A 85 -5.64 -26.16 11.41
N LEU A 86 -6.45 -27.12 11.81
CA LEU A 86 -7.40 -26.94 12.94
C LEU A 86 -6.63 -26.55 14.19
N ALA A 87 -5.57 -27.29 14.52
CA ALA A 87 -4.82 -27.07 15.79
C ALA A 87 -4.15 -25.69 15.75
N ASN A 88 -3.57 -25.29 14.62
CA ASN A 88 -2.83 -24.02 14.51
C ASN A 88 -3.77 -22.85 14.81
N ILE A 89 -4.98 -22.84 14.27
CA ILE A 89 -5.87 -21.68 14.50
C ILE A 89 -6.49 -21.80 15.90
N MET A 90 -6.75 -23.01 16.41
CA MET A 90 -7.33 -23.23 17.77
C MET A 90 -6.37 -22.63 18.82
N LYS A 91 -5.06 -22.76 18.63
CA LYS A 91 -4.06 -22.09 19.50
C LYS A 91 -4.28 -20.59 19.53
N GLU A 92 -4.55 -19.96 18.38
CA GLU A 92 -4.73 -18.49 18.27
C GLU A 92 -6.09 -18.06 18.84
N ILE A 93 -7.15 -18.82 18.61
CA ILE A 93 -8.47 -18.52 19.27
C ILE A 93 -8.21 -18.35 20.77
N ASN A 94 -7.41 -19.24 21.36
CA ASN A 94 -7.19 -19.31 22.83
C ASN A 94 -6.29 -18.16 23.31
N LEU A 95 -5.73 -17.36 22.41
CA LEU A 95 -4.95 -16.15 22.77
C LEU A 95 -5.84 -14.90 22.75
N LEU A 96 -7.11 -15.01 22.34
CA LEU A 96 -8.01 -13.82 22.29
C LEU A 96 -8.16 -13.32 23.71
N PRO A 97 -8.44 -12.02 23.92
CA PRO A 97 -8.76 -11.47 25.23
C PRO A 97 -9.92 -12.27 25.84
N ASP A 98 -9.86 -12.51 27.16
CA ASP A 98 -10.86 -13.36 27.87
C ASP A 98 -12.27 -12.82 27.62
N ARG A 99 -12.46 -11.51 27.50
CA ARG A 99 -13.82 -10.93 27.32
C ARG A 99 -14.41 -11.32 25.96
N VAL A 100 -13.56 -11.56 24.97
CA VAL A 100 -14.00 -12.03 23.61
C VAL A 100 -14.19 -13.54 23.65
N LEU A 101 -13.24 -14.25 24.25
CA LEU A 101 -13.27 -15.74 24.36
C LEU A 101 -14.55 -16.18 25.09
N SER A 102 -15.01 -15.45 26.10
CA SER A 102 -16.10 -15.96 26.94
C SER A 102 -17.46 -15.57 26.34
N THR A 103 -17.53 -14.93 25.18
CA THR A 103 -18.86 -14.65 24.55
C THR A 103 -19.43 -15.99 24.14
N PRO A 104 -20.77 -16.14 24.21
CA PRO A 104 -21.42 -17.40 23.86
C PRO A 104 -21.05 -17.90 22.45
N SER A 105 -21.04 -16.98 21.48
CA SER A 105 -20.84 -17.37 20.06
C SER A 105 -19.37 -17.78 19.84
N VAL A 106 -18.39 -17.10 20.45
CA VAL A 106 -16.99 -17.58 20.30
C VAL A 106 -16.85 -18.96 20.94
N GLN A 107 -17.44 -19.17 22.12
CA GLN A 107 -17.42 -20.48 22.80
C GLN A 107 -18.03 -21.54 21.87
N LEU A 108 -19.14 -21.22 21.20
CA LEU A 108 -19.81 -22.17 20.28
C LEU A 108 -18.82 -22.55 19.16
N VAL A 109 -18.17 -21.56 18.55
CA VAL A 109 -17.26 -21.81 17.40
C VAL A 109 -16.09 -22.67 17.90
N GLN A 110 -15.52 -22.34 19.05
CA GLN A 110 -14.41 -23.13 19.63
C GLN A 110 -14.89 -24.56 19.84
N SER A 111 -16.12 -24.76 20.30
CA SER A 111 -16.63 -26.16 20.55
C SER A 111 -16.72 -26.96 19.23
N TRP A 112 -17.10 -26.32 18.13
CA TRP A 112 -17.18 -26.98 16.79
C TRP A 112 -15.77 -27.44 16.35
N TYR A 113 -14.79 -26.55 16.44
CA TYR A 113 -13.37 -26.86 16.06
C TYR A 113 -12.88 -28.04 16.90
N VAL A 114 -13.19 -28.06 18.21
CA VAL A 114 -12.73 -29.17 19.09
C VAL A 114 -13.36 -30.47 18.59
N GLN A 115 -14.66 -30.46 18.35
CA GLN A 115 -15.35 -31.68 17.90
C GLN A 115 -14.81 -32.13 16.54
N SER A 116 -14.56 -31.19 15.62
CA SER A 116 -14.08 -31.54 14.26
C SER A 116 -12.69 -32.19 14.39
N LEU A 117 -11.81 -31.61 15.21
CA LEU A 117 -10.48 -32.21 15.43
C LEU A 117 -10.64 -33.66 15.95
N LEU A 118 -11.50 -33.91 16.94
CA LEU A 118 -11.67 -35.28 17.53
C LEU A 118 -12.27 -36.23 16.49
N ASP A 119 -13.22 -35.78 15.68
CA ASP A 119 -13.79 -36.61 14.57
C ASP A 119 -12.63 -37.11 13.68
N ILE A 120 -11.64 -36.29 13.37
CA ILE A 120 -10.57 -36.69 12.41
C ILE A 120 -9.58 -37.63 13.12
N MET A 121 -9.39 -37.45 14.43
CA MET A 121 -8.53 -38.34 15.26
C MET A 121 -8.98 -39.80 15.18
N GLU A 122 -10.27 -40.07 15.03
CA GLU A 122 -10.80 -41.46 14.89
C GLU A 122 -10.15 -42.18 13.70
N PHE A 123 -9.55 -41.45 12.74
CA PHE A 123 -8.99 -42.01 11.48
C PHE A 123 -7.48 -42.24 11.56
N LEU A 124 -6.77 -41.75 12.58
CA LEU A 124 -5.29 -41.70 12.58
C LEU A 124 -4.67 -43.11 12.44
N ASP A 125 -5.33 -44.14 12.97
CA ASP A 125 -4.76 -45.53 12.97
C ASP A 125 -5.59 -46.45 12.05
N LYS A 126 -6.46 -45.89 11.21
CA LYS A 126 -7.30 -46.69 10.29
C LYS A 126 -6.54 -47.02 8.98
N ASP A 127 -7.01 -48.03 8.27
CA ASP A 127 -6.28 -48.61 7.11
C ASP A 127 -6.72 -47.86 5.86
N PRO A 128 -5.82 -47.15 5.15
CA PRO A 128 -6.17 -46.47 3.91
C PRO A 128 -6.57 -47.43 2.80
N GLU A 129 -6.13 -48.68 2.92
CA GLU A 129 -6.39 -49.75 1.91
C GLU A 129 -7.87 -50.15 1.98
N ASP A 130 -8.54 -49.81 3.08
CA ASP A 130 -9.90 -50.30 3.39
C ASP A 130 -10.91 -49.26 2.90
N HIS A 131 -11.68 -49.59 1.87
CA HIS A 131 -12.63 -48.67 1.20
C HIS A 131 -13.67 -48.18 2.21
N ARG A 132 -13.87 -48.92 3.32
CA ARG A 132 -14.72 -48.50 4.45
C ARG A 132 -14.14 -47.24 5.12
N THR A 133 -12.86 -47.26 5.49
CA THR A 133 -12.10 -46.09 6.02
C THR A 133 -12.37 -44.85 5.13
N LEU A 134 -12.22 -45.00 3.82
CA LEU A 134 -12.30 -43.86 2.87
C LEU A 134 -13.75 -43.35 2.85
N SER A 135 -14.75 -44.24 2.76
CA SER A 135 -16.17 -43.83 2.74
C SER A 135 -16.52 -43.14 4.06
N GLN A 136 -16.06 -43.68 5.19
CA GLN A 136 -16.32 -43.11 6.52
C GLN A 136 -15.65 -41.72 6.60
N PHE A 137 -14.46 -41.57 6.02
CA PHE A 137 -13.71 -40.30 6.09
C PHE A 137 -14.50 -39.24 5.31
N THR A 138 -14.98 -39.56 4.12
CA THR A 138 -15.77 -38.60 3.32
C THR A 138 -17.01 -38.15 4.11
N ASP A 139 -17.71 -39.09 4.74
CA ASP A 139 -18.90 -38.77 5.58
C ASP A 139 -18.51 -37.86 6.75
N ALA A 140 -17.38 -38.11 7.40
CA ALA A 140 -16.88 -37.30 8.52
C ALA A 140 -16.59 -35.86 8.03
N LEU A 141 -16.03 -35.70 6.84
CA LEU A 141 -15.75 -34.35 6.30
C LEU A 141 -17.06 -33.65 5.95
N VAL A 142 -18.06 -34.38 5.44
CA VAL A 142 -19.39 -33.77 5.13
C VAL A 142 -20.02 -33.28 6.44
N THR A 143 -19.95 -34.10 7.50
CA THR A 143 -20.47 -33.74 8.85
C THR A 143 -19.78 -32.47 9.33
N ILE A 144 -18.46 -32.40 9.18
CA ILE A 144 -17.65 -31.22 9.61
C ILE A 144 -18.09 -30.00 8.80
N ARG A 145 -18.16 -30.11 7.48
CA ARG A 145 -18.54 -28.98 6.62
C ARG A 145 -19.91 -28.46 7.07
N ASN A 146 -20.88 -29.33 7.33
CA ASN A 146 -22.24 -28.91 7.78
C ASN A 146 -22.15 -28.22 9.14
N ARG A 147 -21.38 -28.76 10.07
CA ARG A 147 -21.21 -28.22 11.42
C ARG A 147 -20.64 -26.81 11.34
N HIS A 148 -19.73 -26.58 10.39
CA HIS A 148 -18.98 -25.29 10.30
C HIS A 148 -19.65 -24.31 9.34
N ASN A 149 -20.81 -24.67 8.80
CA ASN A 149 -21.41 -23.90 7.67
C ASN A 149 -21.58 -22.42 8.04
N ASP A 150 -21.97 -22.13 9.29
CA ASP A 150 -22.31 -20.73 9.69
C ASP A 150 -21.19 -20.15 10.55
N VAL A 151 -19.96 -20.62 10.41
CA VAL A 151 -18.84 -20.11 11.24
C VAL A 151 -18.65 -18.61 11.02
N VAL A 152 -18.78 -18.10 9.80
CA VAL A 152 -18.41 -16.67 9.53
C VAL A 152 -19.36 -15.75 10.28
N PRO A 153 -20.69 -15.83 10.10
CA PRO A 153 -21.58 -15.00 10.90
C PRO A 153 -21.59 -15.33 12.41
N THR A 154 -21.33 -16.58 12.81
CA THR A 154 -21.32 -16.92 14.25
C THR A 154 -20.12 -16.23 14.93
N MET A 155 -18.94 -16.28 14.33
CA MET A 155 -17.75 -15.58 14.87
C MET A 155 -18.05 -14.07 14.90
N ALA A 156 -18.67 -13.53 13.85
CA ALA A 156 -19.04 -12.09 13.80
C ALA A 156 -20.03 -11.77 14.94
N GLN A 157 -20.98 -12.66 15.21
CA GLN A 157 -21.97 -12.47 16.30
C GLN A 157 -21.21 -12.40 17.63
N GLY A 158 -20.14 -13.20 17.82
CA GLY A 158 -19.37 -13.16 19.07
C GLY A 158 -18.66 -11.82 19.25
N VAL A 159 -18.17 -11.23 18.18
CA VAL A 159 -17.55 -9.87 18.25
C VAL A 159 -18.61 -8.85 18.66
N LEU A 160 -19.80 -8.93 18.07
CA LEU A 160 -20.93 -8.04 18.41
C LEU A 160 -21.36 -8.24 19.87
N GLU A 161 -21.41 -9.49 20.34
CA GLU A 161 -21.74 -9.81 21.75
C GLU A 161 -20.74 -9.07 22.64
N TYR A 162 -19.48 -9.10 22.25
CA TYR A 162 -18.38 -8.46 22.99
C TYR A 162 -18.59 -6.93 23.01
N LYS A 163 -18.87 -6.36 21.84
CA LYS A 163 -19.09 -4.91 21.65
C LYS A 163 -20.28 -4.44 22.51
N ASP A 164 -21.38 -5.19 22.49
CA ASP A 164 -22.68 -4.84 23.11
C ASP A 164 -22.61 -5.11 24.61
N THR A 165 -21.63 -5.88 25.09
CA THR A 165 -21.48 -6.21 26.52
C THR A 165 -20.51 -5.24 27.20
N TYR A 166 -19.34 -5.01 26.62
CA TYR A 166 -18.22 -4.28 27.27
C TYR A 166 -18.02 -2.90 26.70
N GLY A 167 -18.53 -2.61 25.51
CA GLY A 167 -18.54 -1.24 24.95
C GLY A 167 -17.24 -0.87 24.27
N ASP A 168 -16.45 -1.85 23.86
CA ASP A 168 -15.20 -1.58 23.09
C ASP A 168 -15.55 -1.70 21.60
N ASP A 169 -15.32 -0.66 20.79
CA ASP A 169 -15.54 -0.71 19.32
C ASP A 169 -14.58 -1.73 18.69
N PRO A 170 -15.08 -2.88 18.18
CA PRO A 170 -14.22 -3.90 17.55
C PRO A 170 -13.49 -3.42 16.28
N VAL A 171 -14.05 -2.44 15.55
CA VAL A 171 -13.38 -1.74 14.40
C VAL A 171 -11.99 -1.24 14.82
N SER A 172 -11.88 -0.70 16.04
CA SER A 172 -10.68 -0.02 16.58
C SER A 172 -9.80 -0.99 17.39
N ASN A 173 -10.27 -2.22 17.68
CA ASN A 173 -9.49 -3.21 18.48
C ASN A 173 -8.59 -4.01 17.53
N GLN A 174 -7.29 -3.72 17.57
CA GLN A 174 -6.32 -4.23 16.57
C GLN A 174 -6.14 -5.73 16.78
N ASN A 175 -6.20 -6.23 18.02
CA ASN A 175 -6.20 -7.68 18.33
C ASN A 175 -7.29 -8.40 17.52
N ILE A 176 -8.53 -7.95 17.64
CA ILE A 176 -9.68 -8.63 16.99
C ILE A 176 -9.52 -8.58 15.46
N GLN A 177 -9.10 -7.43 14.92
N GLN A 177 -9.11 -7.43 14.91
CA GLN A 177 -8.90 -7.22 13.45
CA GLN A 177 -8.91 -7.22 13.44
C GLN A 177 -7.82 -8.18 12.95
C GLN A 177 -7.81 -8.17 12.95
N TYR A 178 -6.69 -8.26 13.66
CA TYR A 178 -5.54 -9.15 13.29
C TYR A 178 -6.03 -10.60 13.32
N PHE A 179 -6.69 -10.99 14.41
CA PHE A 179 -7.22 -12.37 14.58
C PHE A 179 -8.22 -12.70 13.46
N LEU A 180 -9.20 -11.87 13.19
CA LEU A 180 -10.29 -12.21 12.24
C LEU A 180 -9.70 -12.42 10.83
N ASP A 181 -8.73 -11.61 10.40
CA ASP A 181 -8.07 -11.80 9.08
C ASP A 181 -7.46 -13.21 9.06
N ARG A 182 -6.77 -13.63 10.13
CA ARG A 182 -6.09 -14.94 10.14
C ARG A 182 -7.09 -16.07 10.31
N PHE A 183 -8.08 -15.90 11.20
CA PHE A 183 -9.15 -16.93 11.43
C PHE A 183 -9.90 -17.18 10.11
N TYR A 184 -10.32 -16.13 9.41
CA TYR A 184 -11.18 -16.27 8.21
C TYR A 184 -10.34 -16.81 7.05
N LEU A 185 -9.06 -16.46 6.97
CA LEU A 185 -8.17 -17.03 5.93
C LEU A 185 -7.97 -18.54 6.23
N SER A 186 -7.69 -18.89 7.49
CA SER A 186 -7.63 -20.31 7.93
C SER A 186 -8.90 -21.04 7.50
N ARG A 187 -10.07 -20.44 7.75
N ARG A 187 -10.07 -20.45 7.77
CA ARG A 187 -11.38 -21.06 7.49
CA ARG A 187 -11.39 -21.05 7.49
C ARG A 187 -11.52 -21.31 5.98
C ARG A 187 -11.52 -21.31 5.98
N ILE A 188 -11.17 -20.33 5.16
CA ILE A 188 -11.22 -20.48 3.68
C ILE A 188 -10.36 -21.70 3.27
N SER A 189 -9.18 -21.85 3.88
CA SER A 189 -8.21 -22.90 3.48
C SER A 189 -8.78 -24.25 3.88
N ILE A 190 -9.42 -24.35 5.06
CA ILE A 190 -10.00 -25.64 5.53
C ILE A 190 -11.21 -26.03 4.68
N ARG A 191 -12.08 -25.07 4.36
CA ARG A 191 -13.25 -25.26 3.48
C ARG A 191 -12.77 -25.72 2.11
N MET A 192 -11.67 -25.16 1.60
CA MET A 192 -11.13 -25.57 0.27
C MET A 192 -10.71 -27.06 0.34
N LEU A 193 -9.88 -27.44 1.32
CA LEU A 193 -9.47 -28.85 1.48
C LEU A 193 -10.71 -29.75 1.53
N ILE A 194 -11.71 -29.43 2.34
CA ILE A 194 -12.86 -30.34 2.56
C ILE A 194 -13.73 -30.41 1.30
N ASN A 195 -13.97 -29.26 0.67
CA ASN A 195 -14.75 -29.19 -0.58
C ASN A 195 -14.09 -30.04 -1.66
N GLN A 196 -12.77 -29.93 -1.82
CA GLN A 196 -12.05 -30.67 -2.88
C GLN A 196 -12.26 -32.17 -2.65
N HIS A 197 -12.08 -32.64 -1.42
CA HIS A 197 -12.20 -34.09 -1.14
C HIS A 197 -13.64 -34.53 -1.34
N THR A 198 -14.60 -33.84 -0.72
CA THR A 198 -16.01 -34.33 -0.72
C THR A 198 -16.56 -34.20 -2.14
N LEU A 199 -16.23 -33.14 -2.89
CA LEU A 199 -16.82 -32.98 -4.26
C LEU A 199 -16.23 -33.99 -5.24
N ILE A 200 -14.96 -34.39 -5.06
CA ILE A 200 -14.30 -35.30 -6.02
C ILE A 200 -14.67 -36.76 -5.66
N PHE A 201 -14.68 -37.13 -4.39
CA PHE A 201 -14.75 -38.55 -3.93
C PHE A 201 -16.16 -38.87 -3.41
N ASP A 202 -17.14 -37.96 -3.59
CA ASP A 202 -18.59 -38.14 -3.36
C ASP A 202 -19.13 -39.40 -4.03
N GLY A 203 -18.68 -39.66 -5.27
CA GLY A 203 -19.46 -40.42 -6.27
C GLY A 203 -20.76 -39.70 -6.55
N SER A 204 -20.68 -38.38 -6.76
CA SER A 204 -21.79 -37.38 -6.80
C SER A 204 -22.73 -37.68 -7.97
N THR A 205 -23.95 -38.18 -7.69
CA THR A 205 -24.91 -38.82 -8.65
C THR A 205 -25.01 -37.99 -9.94
N ASN A 206 -25.40 -36.71 -9.81
CA ASN A 206 -25.50 -35.72 -10.93
C ASN A 206 -24.69 -34.49 -10.54
N PRO A 207 -23.38 -34.38 -10.91
CA PRO A 207 -22.52 -33.29 -10.47
C PRO A 207 -22.89 -31.92 -11.07
N ALA A 208 -23.09 -30.90 -10.22
CA ALA A 208 -23.25 -29.48 -10.63
C ALA A 208 -21.89 -29.03 -11.18
N HIS A 209 -21.87 -28.49 -12.40
CA HIS A 209 -20.63 -28.15 -13.15
C HIS A 209 -19.77 -29.41 -13.31
N PRO A 210 -20.17 -30.36 -14.19
CA PRO A 210 -19.45 -31.63 -14.32
C PRO A 210 -17.99 -31.57 -14.81
N LYS A 211 -17.53 -30.44 -15.37
CA LYS A 211 -16.15 -30.31 -15.94
C LYS A 211 -15.19 -29.67 -14.93
N HIS A 212 -15.68 -29.37 -13.73
CA HIS A 212 -14.85 -28.85 -12.59
C HIS A 212 -14.12 -30.00 -11.91
N ILE A 213 -12.97 -29.70 -11.36
CA ILE A 213 -12.22 -30.61 -10.47
C ILE A 213 -12.50 -30.15 -9.04
N GLY A 214 -13.46 -30.78 -8.38
CA GLY A 214 -14.03 -30.26 -7.12
C GLY A 214 -14.61 -28.88 -7.35
N SER A 215 -14.07 -27.86 -6.71
CA SER A 215 -14.54 -26.45 -6.81
C SER A 215 -13.67 -25.69 -7.82
N ILE A 216 -12.67 -26.31 -8.43
CA ILE A 216 -11.76 -25.60 -9.40
C ILE A 216 -12.30 -25.76 -10.81
N ASP A 217 -12.36 -24.65 -11.53
CA ASP A 217 -12.64 -24.66 -12.99
C ASP A 217 -11.32 -24.48 -13.69
N PRO A 218 -10.75 -25.53 -14.31
CA PRO A 218 -9.47 -25.41 -15.02
C PRO A 218 -9.56 -24.55 -16.29
N ASN A 219 -10.77 -24.21 -16.75
CA ASN A 219 -11.04 -23.38 -17.94
C ASN A 219 -12.06 -22.30 -17.58
N CYS A 220 -11.83 -21.63 -16.47
CA CYS A 220 -12.72 -20.56 -15.96
C CYS A 220 -12.69 -19.37 -16.93
N ASN A 221 -13.85 -19.05 -17.51
CA ASN A 221 -14.05 -17.86 -18.38
C ASN A 221 -14.31 -16.69 -17.45
N VAL A 222 -13.36 -15.80 -17.33
CA VAL A 222 -13.37 -14.75 -16.26
C VAL A 222 -14.53 -13.80 -16.51
N SER A 223 -14.71 -13.34 -17.76
CA SER A 223 -15.82 -12.43 -18.11
C SER A 223 -17.19 -13.04 -17.79
N GLU A 224 -17.41 -14.34 -17.91
CA GLU A 224 -18.71 -14.97 -17.57
C GLU A 224 -18.96 -14.84 -16.06
N VAL A 225 -17.95 -15.04 -15.24
CA VAL A 225 -18.05 -14.84 -13.76
C VAL A 225 -18.31 -13.37 -13.48
N VAL A 226 -17.63 -12.46 -14.19
CA VAL A 226 -17.89 -11.01 -14.03
C VAL A 226 -19.37 -10.74 -14.34
N LYS A 227 -19.86 -11.22 -15.48
CA LYS A 227 -21.27 -10.96 -15.90
C LYS A 227 -22.24 -11.56 -14.87
N ASP A 228 -22.00 -12.78 -14.39
CA ASP A 228 -22.89 -13.44 -13.40
C ASP A 228 -22.92 -12.61 -12.09
N ALA A 229 -21.78 -12.19 -11.56
CA ALA A 229 -21.71 -11.32 -10.34
C ALA A 229 -22.46 -9.99 -10.59
N TYR A 230 -22.25 -9.35 -11.73
CA TYR A 230 -22.98 -8.12 -12.10
C TYR A 230 -24.50 -8.39 -12.14
N ASP A 231 -24.93 -9.44 -12.81
CA ASP A 231 -26.38 -9.74 -12.97
C ASP A 231 -27.06 -9.88 -11.61
N MET A 232 -26.42 -10.54 -10.65
CA MET A 232 -26.97 -10.77 -9.29
C MET A 232 -26.99 -9.43 -8.52
N ALA A 233 -25.93 -8.64 -8.60
CA ALA A 233 -25.89 -7.30 -7.97
C ALA A 233 -26.94 -6.38 -8.61
N LYS A 234 -27.09 -6.41 -9.94
CA LYS A 234 -28.11 -5.61 -10.68
C LYS A 234 -29.52 -6.01 -10.23
N LEU A 235 -29.78 -7.30 -9.99
CA LEU A 235 -31.15 -7.73 -9.59
C LEU A 235 -31.49 -7.11 -8.23
N LEU A 236 -30.53 -7.13 -7.28
CA LEU A 236 -30.69 -6.48 -5.96
C LEU A 236 -30.80 -4.96 -6.10
N CYS A 237 -29.94 -4.33 -6.88
N CYS A 237 -29.91 -4.33 -6.87
CA CYS A 237 -29.92 -2.86 -7.02
CA CYS A 237 -29.87 -2.85 -7.10
C CYS A 237 -31.23 -2.38 -7.66
C CYS A 237 -31.23 -2.38 -7.66
N ASP A 238 -31.78 -3.12 -8.62
CA ASP A 238 -33.07 -2.79 -9.28
C ASP A 238 -34.22 -2.85 -8.28
N LYS A 239 -34.16 -3.76 -7.31
CA LYS A 239 -35.26 -3.92 -6.32
C LYS A 239 -35.29 -2.71 -5.38
N TYR A 240 -34.11 -2.22 -4.94
CA TYR A 240 -34.00 -1.27 -3.82
C TYR A 240 -33.84 0.18 -4.31
N TYR A 241 -33.30 0.41 -5.50
CA TYR A 241 -33.07 1.75 -6.09
C TYR A 241 -33.90 2.00 -7.34
N MET A 242 -34.41 0.96 -8.01
CA MET A 242 -35.18 1.12 -9.28
C MET A 242 -34.30 1.65 -10.43
N ALA A 243 -33.00 1.68 -10.25
CA ALA A 243 -32.02 1.98 -11.31
C ALA A 243 -30.71 1.31 -10.90
N SER A 244 -29.99 0.80 -11.88
CA SER A 244 -28.63 0.26 -11.66
C SER A 244 -27.78 0.79 -12.80
N PRO A 245 -26.49 1.06 -12.54
CA PRO A 245 -25.55 1.32 -13.62
C PRO A 245 -25.46 0.13 -14.57
N ASP A 246 -25.24 0.41 -15.83
CA ASP A 246 -24.93 -0.61 -16.83
C ASP A 246 -23.53 -1.17 -16.57
N LEU A 247 -23.21 -2.31 -17.21
CA LEU A 247 -21.87 -2.93 -17.21
C LEU A 247 -21.20 -2.76 -18.57
N GLU A 248 -19.92 -2.37 -18.57
CA GLU A 248 -19.04 -2.38 -19.76
C GLU A 248 -17.81 -3.22 -19.42
N ILE A 249 -17.50 -4.23 -20.23
CA ILE A 249 -16.32 -5.12 -20.00
C ILE A 249 -15.41 -4.98 -21.20
N GLN A 250 -14.12 -4.85 -20.92
CA GLN A 250 -13.05 -4.79 -21.93
C GLN A 250 -12.05 -5.86 -21.53
N GLU A 251 -11.62 -6.70 -22.48
CA GLU A 251 -10.53 -7.69 -22.26
C GLU A 251 -9.28 -7.25 -23.01
N ILE A 252 -8.13 -7.41 -22.37
CA ILE A 252 -6.78 -7.21 -22.93
C ILE A 252 -6.01 -8.51 -22.72
N ASN A 253 -5.85 -9.26 -23.79
CA ASN A 253 -5.10 -10.54 -23.76
C ASN A 253 -3.76 -10.16 -24.40
N ALA A 254 -2.77 -9.83 -23.58
CA ALA A 254 -1.51 -9.21 -24.05
C ALA A 254 -0.90 -10.11 -25.13
N ALA A 255 -0.77 -11.40 -24.87
CA ALA A 255 -0.07 -12.38 -25.76
C ALA A 255 -0.95 -12.74 -26.97
N ASN A 256 -2.27 -12.74 -26.83
CA ASN A 256 -3.21 -13.24 -27.87
C ASN A 256 -4.46 -12.36 -27.91
N SER A 257 -4.38 -11.23 -28.63
CA SER A 257 -5.38 -10.13 -28.68
C SER A 257 -6.83 -10.64 -28.78
N LYS A 258 -7.12 -11.67 -29.58
CA LYS A 258 -8.52 -11.98 -29.95
C LYS A 258 -9.13 -13.00 -28.97
N GLN A 259 -8.31 -13.64 -28.13
CA GLN A 259 -8.65 -14.86 -27.37
C GLN A 259 -9.40 -14.54 -26.07
N PRO A 260 -10.67 -14.99 -25.91
CA PRO A 260 -11.45 -14.79 -24.68
C PRO A 260 -10.75 -15.34 -23.43
N ILE A 261 -10.59 -14.56 -22.35
CA ILE A 261 -9.60 -14.87 -21.28
C ILE A 261 -10.12 -16.00 -20.39
N HIS A 262 -9.31 -17.02 -20.20
CA HIS A 262 -9.62 -18.19 -19.35
C HIS A 262 -8.45 -18.35 -18.37
N MET A 263 -8.70 -18.98 -17.22
CA MET A 263 -7.64 -19.33 -16.27
C MET A 263 -8.12 -20.52 -15.43
N VAL A 264 -7.20 -21.11 -14.67
CA VAL A 264 -7.51 -22.07 -13.60
C VAL A 264 -7.86 -21.30 -12.34
N TYR A 265 -9.10 -21.37 -11.89
CA TYR A 265 -9.49 -20.69 -10.63
C TYR A 265 -10.69 -21.37 -10.03
N VAL A 266 -10.95 -21.01 -8.78
CA VAL A 266 -12.20 -21.40 -8.06
C VAL A 266 -13.25 -20.33 -8.36
N PRO A 267 -14.21 -20.60 -9.28
CA PRO A 267 -15.16 -19.56 -9.71
C PRO A 267 -16.04 -18.99 -8.58
N SER A 268 -16.37 -19.78 -7.56
CA SER A 268 -17.18 -19.31 -6.43
C SER A 268 -16.41 -18.21 -5.66
N HIS A 269 -15.08 -18.36 -5.48
CA HIS A 269 -14.23 -17.35 -4.79
C HIS A 269 -14.26 -16.08 -5.64
N LEU A 270 -14.09 -16.22 -6.94
CA LEU A 270 -14.00 -15.04 -7.84
C LEU A 270 -15.35 -14.34 -7.81
N TYR A 271 -16.42 -15.10 -7.87
CA TYR A 271 -17.81 -14.59 -7.81
C TYR A 271 -18.01 -13.79 -6.53
N HIS A 272 -17.58 -14.32 -5.37
CA HIS A 272 -17.80 -13.66 -4.06
C HIS A 272 -17.13 -12.28 -4.12
N MET A 273 -15.92 -12.21 -4.66
CA MET A 273 -15.16 -10.93 -4.70
C MET A 273 -15.90 -9.92 -5.60
N LEU A 274 -16.28 -10.36 -6.79
CA LEU A 274 -16.87 -9.47 -7.80
C LEU A 274 -18.28 -9.07 -7.36
N PHE A 275 -19.02 -9.95 -6.70
CA PHE A 275 -20.37 -9.57 -6.23
C PHE A 275 -20.26 -8.45 -5.19
N GLU A 276 -19.39 -8.62 -4.22
CA GLU A 276 -19.12 -7.58 -3.19
C GLU A 276 -18.74 -6.26 -3.84
N LEU A 277 -17.78 -6.25 -4.79
CA LEU A 277 -17.29 -5.01 -5.45
C LEU A 277 -18.40 -4.37 -6.28
N PHE A 278 -19.21 -5.16 -6.99
CA PHE A 278 -20.33 -4.60 -7.78
C PHE A 278 -21.34 -3.95 -6.84
N LYS A 279 -21.74 -4.62 -5.77
CA LYS A 279 -22.71 -4.04 -4.83
C LYS A 279 -22.23 -2.65 -4.35
N ASN A 280 -20.96 -2.55 -3.95
CA ASN A 280 -20.40 -1.29 -3.38
C ASN A 280 -20.34 -0.21 -4.47
N ALA A 281 -19.86 -0.56 -5.66
CA ALA A 281 -19.76 0.40 -6.80
C ALA A 281 -21.17 0.86 -7.21
N MET A 282 -22.14 -0.04 -7.27
CA MET A 282 -23.52 0.33 -7.64
C MET A 282 -24.13 1.19 -6.54
N ARG A 283 -23.97 0.84 -5.25
CA ARG A 283 -24.48 1.66 -4.13
C ARG A 283 -23.87 3.07 -4.23
N ALA A 284 -22.56 3.17 -4.41
CA ALA A 284 -21.91 4.51 -4.45
C ALA A 284 -22.43 5.30 -5.66
N THR A 285 -22.57 4.65 -6.82
CA THR A 285 -23.00 5.34 -8.05
C THR A 285 -24.41 5.90 -7.86
N VAL A 286 -25.31 5.06 -7.35
CA VAL A 286 -26.73 5.47 -7.18
C VAL A 286 -26.81 6.60 -6.14
N GLU A 287 -26.09 6.49 -5.02
CA GLU A 287 -26.19 7.43 -3.87
C GLU A 287 -25.58 8.77 -4.24
N SER A 288 -24.59 8.82 -5.13
CA SER A 288 -23.89 10.08 -5.48
C SER A 288 -24.59 10.81 -6.63
N HIS A 289 -25.62 10.23 -7.23
CA HIS A 289 -26.31 10.84 -8.39
C HIS A 289 -27.70 11.33 -7.95
N GLU A 290 -27.93 12.65 -8.00
CA GLU A 290 -29.27 13.31 -7.93
C GLU A 290 -30.32 12.46 -8.65
N SER A 291 -30.04 12.22 -9.93
CA SER A 291 -30.93 11.60 -10.92
C SER A 291 -30.56 10.12 -11.09
N SER A 292 -31.57 9.25 -11.18
CA SER A 292 -31.42 7.82 -11.50
C SER A 292 -31.68 7.57 -12.99
N LEU A 293 -31.64 8.64 -13.81
CA LEU A 293 -32.02 8.61 -15.25
C LEU A 293 -30.80 8.24 -16.10
N ILE A 294 -29.64 8.84 -15.82
CA ILE A 294 -28.42 8.68 -16.66
C ILE A 294 -27.24 8.28 -15.77
N LEU A 295 -27.27 7.13 -15.10
CA LEU A 295 -26.17 6.73 -14.18
C LEU A 295 -24.94 6.40 -15.02
N PRO A 296 -23.73 6.78 -14.55
CA PRO A 296 -22.52 6.37 -15.25
C PRO A 296 -22.39 4.86 -15.15
N PRO A 297 -21.92 4.14 -16.20
CA PRO A 297 -21.78 2.69 -16.12
C PRO A 297 -20.65 2.27 -15.16
N ILE A 298 -20.63 1.01 -14.76
CA ILE A 298 -19.44 0.42 -14.10
C ILE A 298 -18.61 -0.24 -15.21
N LYS A 299 -17.33 0.13 -15.30
CA LYS A 299 -16.42 -0.35 -16.35
C LYS A 299 -15.49 -1.37 -15.74
N VAL A 300 -15.41 -2.53 -16.35
CA VAL A 300 -14.51 -3.62 -15.93
C VAL A 300 -13.51 -3.87 -17.05
N MET A 301 -12.24 -3.94 -16.66
CA MET A 301 -11.17 -4.37 -17.58
C MET A 301 -10.56 -5.65 -17.02
N VAL A 302 -10.46 -6.66 -17.89
CA VAL A 302 -9.77 -7.93 -17.56
C VAL A 302 -8.52 -7.95 -18.41
N ALA A 303 -7.36 -7.96 -17.76
CA ALA A 303 -6.04 -8.02 -18.41
C ALA A 303 -5.40 -9.36 -18.05
N LEU A 304 -4.95 -10.07 -19.08
CA LEU A 304 -4.08 -11.25 -18.93
C LEU A 304 -2.66 -10.89 -19.36
N GLY A 305 -1.74 -10.87 -18.39
CA GLY A 305 -0.30 -10.74 -18.62
C GLY A 305 0.40 -12.09 -18.51
N GLU A 306 1.72 -12.08 -18.50
CA GLU A 306 2.55 -13.32 -18.38
C GLU A 306 2.41 -13.89 -16.98
N GLU A 307 2.21 -13.03 -15.98
CA GLU A 307 2.25 -13.44 -14.55
C GLU A 307 0.89 -13.14 -13.87
N ASP A 308 0.23 -12.05 -14.23
CA ASP A 308 -0.99 -11.55 -13.53
C ASP A 308 -2.21 -11.67 -14.42
N LEU A 309 -3.33 -12.05 -13.81
CA LEU A 309 -4.67 -11.80 -14.35
C LEU A 309 -5.23 -10.70 -13.47
N SER A 310 -5.44 -9.51 -14.03
CA SER A 310 -5.91 -8.32 -13.27
C SER A 310 -7.33 -7.97 -13.69
N ILE A 311 -8.19 -7.72 -12.72
CA ILE A 311 -9.61 -7.28 -12.99
C ILE A 311 -9.80 -5.93 -12.29
N LYS A 312 -10.00 -4.86 -13.05
CA LYS A 312 -10.23 -3.52 -12.48
C LYS A 312 -11.69 -3.17 -12.70
N MET A 313 -12.37 -2.79 -11.62
CA MET A 313 -13.76 -2.30 -11.65
C MET A 313 -13.69 -0.81 -11.35
N SER A 314 -14.13 0.02 -12.29
CA SER A 314 -14.09 1.50 -12.18
C SER A 314 -15.50 2.06 -12.10
N ASP A 315 -15.75 2.93 -11.13
CA ASP A 315 -17.07 3.58 -10.98
C ASP A 315 -16.87 5.09 -10.89
N ARG A 316 -17.96 5.83 -11.07
CA ARG A 316 -17.98 7.30 -10.87
C ARG A 316 -18.91 7.60 -9.70
N GLY A 317 -18.74 6.89 -8.59
CA GLY A 317 -19.59 6.99 -7.40
C GLY A 317 -19.17 8.04 -6.38
N GLY A 318 -18.30 8.99 -6.70
CA GLY A 318 -18.05 10.08 -5.73
C GLY A 318 -16.87 9.82 -4.80
N GLY A 319 -16.50 8.56 -4.60
CA GLY A 319 -15.21 8.22 -3.99
C GLY A 319 -15.18 8.37 -2.48
N VAL A 320 -14.04 8.05 -1.90
CA VAL A 320 -13.78 7.92 -0.43
C VAL A 320 -12.47 8.62 -0.14
N PRO A 321 -12.36 9.51 0.88
CA PRO A 321 -11.08 10.15 1.17
C PRO A 321 -10.08 9.07 1.62
N LEU A 322 -8.83 9.26 1.23
CA LEU A 322 -7.73 8.31 1.48
C LEU A 322 -7.75 7.87 2.95
N ARG A 323 -7.96 8.81 3.88
CA ARG A 323 -7.91 8.55 5.33
C ARG A 323 -8.91 7.45 5.71
N LYS A 324 -10.00 7.26 4.95
CA LYS A 324 -11.13 6.39 5.36
C LYS A 324 -11.09 5.06 4.61
N ILE A 325 -10.14 4.85 3.72
CA ILE A 325 -10.07 3.58 2.96
C ILE A 325 -9.87 2.40 3.94
N GLU A 326 -8.98 2.51 4.91
CA GLU A 326 -8.64 1.44 5.88
C GLU A 326 -9.92 0.96 6.57
N ARG A 327 -10.82 1.87 6.94
CA ARG A 327 -12.08 1.55 7.63
C ARG A 327 -12.91 0.58 6.80
N LEU A 328 -12.87 0.69 5.46
CA LEU A 328 -13.73 -0.17 4.60
C LEU A 328 -13.32 -1.64 4.77
N PHE A 329 -12.06 -1.92 5.09
CA PHE A 329 -11.55 -3.30 5.28
C PHE A 329 -11.56 -3.73 6.75
N SER A 330 -12.14 -2.91 7.64
N SER A 330 -12.13 -2.90 7.64
CA SER A 330 -12.23 -3.19 9.09
CA SER A 330 -12.26 -3.18 9.10
C SER A 330 -13.48 -4.03 9.36
C SER A 330 -13.49 -4.05 9.35
N TYR A 331 -13.32 -5.13 10.11
CA TYR A 331 -14.44 -6.00 10.52
C TYR A 331 -15.43 -5.18 11.34
N MET A 332 -16.71 -5.31 10.96
CA MET A 332 -17.88 -4.75 11.67
C MET A 332 -17.86 -3.20 11.67
N TYR A 333 -17.18 -2.54 10.72
CA TYR A 333 -17.22 -1.06 10.56
C TYR A 333 -18.64 -0.65 10.12
N SER A 334 -19.16 0.43 10.72
CA SER A 334 -20.53 1.00 10.56
C SER A 334 -21.48 -0.01 9.90
N GLY A 350 -24.33 -4.57 4.14
CA GLY A 350 -23.22 -5.42 4.65
C GLY A 350 -23.58 -6.11 5.96
N PHE A 351 -22.81 -7.14 6.34
CA PHE A 351 -22.86 -7.78 7.68
C PHE A 351 -21.59 -7.40 8.47
N GLY A 352 -20.78 -6.50 7.92
CA GLY A 352 -19.49 -6.08 8.51
C GLY A 352 -18.28 -6.81 7.96
N TYR A 353 -18.44 -7.85 7.13
CA TYR A 353 -17.25 -8.63 6.67
C TYR A 353 -17.13 -8.90 5.16
N GLY A 354 -18.03 -8.39 4.30
CA GLY A 354 -18.01 -8.69 2.84
C GLY A 354 -16.69 -8.31 2.18
N LEU A 355 -16.27 -7.06 2.37
CA LEU A 355 -15.06 -6.56 1.70
C LEU A 355 -13.81 -7.19 2.29
N PRO A 356 -13.56 -7.21 3.63
CA PRO A 356 -12.32 -7.84 4.12
C PRO A 356 -12.21 -9.33 3.75
N ILE A 357 -13.30 -10.06 3.78
CA ILE A 357 -13.25 -11.48 3.39
C ILE A 357 -13.04 -11.59 1.86
N SER A 358 -13.61 -10.70 1.05
CA SER A 358 -13.31 -10.67 -0.41
C SER A 358 -11.78 -10.57 -0.60
N ARG A 359 -11.14 -9.67 0.14
CA ARG A 359 -9.68 -9.49 0.06
C ARG A 359 -8.95 -10.77 0.50
N LEU A 360 -9.43 -11.45 1.54
CA LEU A 360 -8.81 -12.75 1.94
C LEU A 360 -8.93 -13.79 0.80
N TYR A 361 -10.05 -13.85 0.09
CA TYR A 361 -10.14 -14.81 -1.04
C TYR A 361 -9.08 -14.47 -2.08
N ALA A 362 -8.84 -13.18 -2.36
CA ALA A 362 -7.82 -12.79 -3.34
C ALA A 362 -6.43 -13.19 -2.82
N LYS A 363 -6.17 -12.96 -1.54
CA LYS A 363 -4.84 -13.28 -0.94
C LYS A 363 -4.60 -14.77 -0.91
N TYR A 364 -5.66 -15.55 -0.77
CA TYR A 364 -5.55 -16.99 -0.50
C TYR A 364 -4.68 -17.66 -1.56
N PHE A 365 -4.79 -17.31 -2.85
CA PHE A 365 -3.92 -17.93 -3.89
C PHE A 365 -2.87 -16.94 -4.38
N GLN A 366 -2.30 -16.14 -3.46
CA GLN A 366 -1.16 -15.22 -3.72
C GLN A 366 -1.61 -14.06 -4.61
N GLY A 367 -2.91 -13.70 -4.57
CA GLY A 367 -3.40 -12.48 -5.23
C GLY A 367 -3.60 -11.36 -4.23
N ASP A 368 -4.36 -10.35 -4.63
CA ASP A 368 -4.70 -9.22 -3.73
C ASP A 368 -5.94 -8.56 -4.27
N LEU A 369 -6.52 -7.72 -3.41
CA LEU A 369 -7.69 -6.89 -3.74
C LEU A 369 -7.35 -5.51 -3.20
N GLN A 370 -7.19 -4.54 -4.08
CA GLN A 370 -6.73 -3.18 -3.72
C GLN A 370 -7.79 -2.17 -4.16
N LEU A 371 -7.99 -1.14 -3.34
CA LEU A 371 -8.91 -0.01 -3.63
C LEU A 371 -8.08 1.25 -3.85
N PHE A 372 -8.41 1.99 -4.89
CA PHE A 372 -7.75 3.30 -5.18
C PHE A 372 -8.88 4.25 -5.54
N SER A 373 -9.14 5.20 -4.65
CA SER A 373 -10.31 6.11 -4.80
C SER A 373 -9.77 7.50 -5.13
N MET A 374 -10.63 8.32 -5.72
CA MET A 374 -10.39 9.75 -5.95
C MET A 374 -11.63 10.47 -5.43
N GLU A 375 -11.49 11.03 -4.24
CA GLU A 375 -12.60 11.71 -3.55
C GLU A 375 -13.13 12.81 -4.48
N GLY A 376 -14.45 12.80 -4.68
CA GLY A 376 -15.13 13.74 -5.57
C GLY A 376 -15.34 13.17 -6.96
N PHE A 377 -14.79 12.00 -7.28
CA PHE A 377 -14.93 11.43 -8.65
C PHE A 377 -15.47 10.00 -8.57
N GLY A 378 -14.67 9.09 -8.00
CA GLY A 378 -15.01 7.67 -8.09
C GLY A 378 -13.90 6.78 -7.62
N THR A 379 -14.08 5.48 -7.80
CA THR A 379 -13.26 4.44 -7.13
C THR A 379 -12.90 3.39 -8.17
N ASP A 380 -11.66 2.92 -8.10
CA ASP A 380 -11.15 1.75 -8.85
C ASP A 380 -10.88 0.65 -7.83
N ALA A 381 -11.44 -0.54 -8.05
CA ALA A 381 -11.08 -1.73 -7.26
C ALA A 381 -10.36 -2.72 -8.18
N VAL A 382 -9.21 -3.24 -7.76
CA VAL A 382 -8.47 -4.18 -8.63
C VAL A 382 -8.30 -5.51 -7.90
N ILE A 383 -8.75 -6.58 -8.54
CA ILE A 383 -8.43 -7.97 -8.12
C ILE A 383 -7.19 -8.39 -8.93
N TYR A 384 -6.14 -8.77 -8.23
CA TYR A 384 -4.92 -9.35 -8.80
C TYR A 384 -4.93 -10.84 -8.49
N LEU A 385 -4.91 -11.68 -9.54
CA LEU A 385 -4.78 -13.15 -9.40
C LEU A 385 -3.50 -13.56 -10.13
N LYS A 386 -2.93 -14.68 -9.74
CA LYS A 386 -1.84 -15.34 -10.50
C LYS A 386 -2.45 -15.94 -11.78
N ALA A 387 -1.81 -15.68 -12.92
CA ALA A 387 -2.22 -16.22 -14.23
C ALA A 387 -1.93 -17.72 -14.31
N LEU A 388 -0.91 -18.23 -13.63
CA LEU A 388 -0.44 -19.64 -13.76
C LEU A 388 -0.84 -20.48 -12.53
N SER A 389 -1.35 -21.69 -12.76
CA SER A 389 -1.80 -22.59 -11.67
C SER A 389 -0.61 -22.98 -10.78
N THR A 390 0.61 -23.01 -11.30
CA THR A 390 1.82 -23.31 -10.49
C THR A 390 2.19 -22.16 -9.54
N ASP A 391 1.80 -20.91 -9.85
CA ASP A 391 2.10 -19.71 -9.03
C ASP A 391 0.99 -19.52 -7.98
N SER A 392 -0.17 -20.13 -8.18
CA SER A 392 -1.34 -19.96 -7.28
C SER A 392 -1.19 -20.88 -6.07
N VAL A 393 -0.45 -20.46 -5.06
CA VAL A 393 -0.12 -21.29 -3.89
C VAL A 393 -0.89 -20.74 -2.68
N GLU A 394 -1.46 -21.64 -1.91
CA GLU A 394 -2.20 -21.24 -0.70
C GLU A 394 -1.33 -20.33 0.17
N ARG A 395 -1.95 -19.27 0.68
CA ARG A 395 -1.37 -18.40 1.73
C ARG A 395 -2.09 -18.77 3.02
N LEU A 396 -1.36 -19.30 3.99
CA LEU A 396 -1.92 -19.88 5.22
C LEU A 396 -1.31 -19.20 6.43
N PRO A 397 -2.11 -18.75 7.41
CA PRO A 397 -1.54 -18.27 8.66
C PRO A 397 -0.93 -19.45 9.42
N VAL A 398 0.18 -19.20 10.11
CA VAL A 398 0.88 -20.26 10.88
C VAL A 398 1.02 -19.78 12.33
N TYR A 399 0.75 -20.67 13.27
CA TYR A 399 0.90 -20.34 14.71
C TYR A 399 2.38 -20.35 15.07
N ASN A 400 2.97 -19.18 15.33
CA ASN A 400 4.43 -19.05 15.59
C ASN A 400 4.65 -17.84 16.51
N LYS A 401 5.91 -17.61 16.92
CA LYS A 401 6.35 -16.48 17.79
C LYS A 401 5.80 -15.15 17.24
N SER A 402 5.95 -14.91 15.93
CA SER A 402 5.44 -13.71 15.20
C SER A 402 3.95 -13.50 15.51
N ALA A 403 3.13 -14.53 15.30
CA ALA A 403 1.67 -14.48 15.60
C ALA A 403 1.47 -14.16 17.08
N TRP A 404 2.04 -14.98 17.97
CA TRP A 404 1.95 -14.84 19.46
C TRP A 404 2.16 -13.37 19.87
N ARG A 405 3.19 -12.69 19.34
CA ARG A 405 3.56 -11.30 19.74
C ARG A 405 2.34 -10.38 19.68
N HIS A 406 1.57 -10.44 18.58
CA HIS A 406 0.44 -9.51 18.32
C HIS A 406 -0.57 -9.54 19.48
N TYR A 407 -0.79 -10.70 20.12
CA TYR A 407 -1.81 -10.94 21.18
C TYR A 407 -1.25 -10.62 22.58
N ASP B 29 32.32 31.55 29.54
CA ASP B 29 33.53 30.68 29.68
C ASP B 29 33.44 29.56 28.64
N LYS B 30 33.99 28.37 28.93
CA LYS B 30 34.12 27.21 27.99
C LYS B 30 32.83 26.36 28.02
N ALA B 31 31.67 27.00 27.91
CA ALA B 31 30.33 26.37 27.79
C ALA B 31 30.26 25.46 26.56
N LEU B 32 29.47 24.39 26.61
CA LEU B 32 29.40 23.40 25.50
C LEU B 32 29.20 24.10 24.13
N LEU B 33 28.24 25.02 23.97
CA LEU B 33 27.84 25.53 22.63
C LEU B 33 28.55 26.84 22.27
N LYS B 34 29.58 27.24 23.02
CA LYS B 34 30.39 28.47 22.80
C LYS B 34 31.70 28.11 22.09
N ASN B 35 32.19 28.95 21.17
CA ASN B 35 33.48 28.71 20.47
C ASN B 35 33.48 27.29 19.89
N ALA B 36 32.44 26.94 19.14
CA ALA B 36 32.30 25.59 18.57
C ALA B 36 33.49 25.28 17.64
N SER B 37 33.90 24.02 17.60
CA SER B 37 35.04 23.52 16.79
C SER B 37 34.63 22.23 16.12
N LEU B 38 35.30 21.88 15.02
CA LEU B 38 35.20 20.54 14.38
C LEU B 38 35.38 19.47 15.45
N ALA B 39 36.42 19.60 16.29
CA ALA B 39 36.73 18.65 17.40
C ALA B 39 35.50 18.42 18.27
N GLY B 40 34.67 19.46 18.51
CA GLY B 40 33.50 19.38 19.43
C GLY B 40 32.25 18.74 18.83
N ALA B 41 32.22 18.46 17.52
CA ALA B 41 31.01 18.07 16.76
C ALA B 41 30.26 16.90 17.40
N PRO B 42 30.88 15.76 17.77
CA PRO B 42 30.14 14.67 18.43
C PRO B 42 29.35 15.17 19.66
N LYS B 43 29.89 16.11 20.43
CA LYS B 43 29.22 16.62 21.66
C LYS B 43 27.99 17.45 21.26
N TYR B 44 28.11 18.26 20.22
CA TYR B 44 27.02 19.15 19.73
C TYR B 44 25.92 18.28 19.11
N ILE B 45 26.32 17.27 18.34
CA ILE B 45 25.35 16.33 17.73
C ILE B 45 24.61 15.62 18.85
N GLU B 46 25.31 15.22 19.91
CA GLU B 46 24.67 14.52 21.04
C GLU B 46 23.60 15.43 21.69
N HIS B 47 23.95 16.68 22.00
CA HIS B 47 23.07 17.69 22.64
C HIS B 47 21.83 17.96 21.78
N PHE B 48 21.98 18.25 20.50
CA PHE B 48 20.84 18.69 19.64
C PHE B 48 19.95 17.49 19.34
N SER B 49 20.53 16.29 19.33
CA SER B 49 19.81 15.02 19.02
C SER B 49 18.82 14.68 20.14
N LYS B 50 18.94 15.29 21.33
CA LYS B 50 18.02 14.98 22.46
C LYS B 50 16.67 15.66 22.22
N PHE B 51 16.59 16.67 21.38
CA PHE B 51 15.31 17.37 21.06
C PHE B 51 14.59 16.64 19.91
N SER B 52 13.27 16.70 19.90
CA SER B 52 12.42 16.29 18.76
C SER B 52 12.33 17.42 17.75
N PRO B 53 12.45 17.13 16.44
CA PRO B 53 12.07 18.11 15.42
C PRO B 53 10.65 18.59 15.68
N SER B 54 10.40 19.87 15.48
CA SER B 54 9.06 20.51 15.65
C SER B 54 8.39 20.68 14.28
N PRO B 55 7.37 19.88 13.95
CA PRO B 55 6.68 19.99 12.66
C PRO B 55 5.73 21.19 12.55
N LEU B 56 5.79 21.89 11.43
CA LEU B 56 4.94 23.05 11.09
C LEU B 56 3.89 22.63 10.06
N SER B 57 2.73 23.27 10.10
CA SER B 57 1.67 23.11 9.08
C SER B 57 1.97 24.10 7.97
N MET B 58 1.47 23.79 6.79
CA MET B 58 1.43 24.74 5.66
C MET B 58 0.80 26.06 6.12
N LYS B 59 -0.26 25.98 6.92
CA LYS B 59 -0.90 27.22 7.46
C LYS B 59 0.11 28.01 8.31
N GLN B 60 0.90 27.35 9.15
CA GLN B 60 1.90 28.09 9.98
C GLN B 60 2.97 28.73 9.07
N PHE B 61 3.44 28.00 8.05
CA PHE B 61 4.42 28.58 7.10
C PHE B 61 3.81 29.84 6.45
N LEU B 62 2.53 29.80 6.06
CA LEU B 62 1.87 30.99 5.47
C LEU B 62 1.87 32.15 6.45
N ASP B 63 1.51 31.92 7.71
CA ASP B 63 1.52 32.99 8.74
C ASP B 63 2.91 33.63 8.83
N PHE B 64 3.99 32.86 8.80
CA PHE B 64 5.36 33.37 9.11
C PHE B 64 5.90 34.25 7.99
N GLY B 65 5.18 34.44 6.88
CA GLY B 65 5.53 35.41 5.82
C GLY B 65 4.92 36.79 6.08
N SER B 66 3.71 36.81 6.65
CA SER B 66 2.69 37.91 6.65
C SER B 66 3.17 39.25 7.24
N SER B 67 4.41 39.36 7.70
CA SER B 67 5.03 40.61 8.20
C SER B 67 6.54 40.41 8.29
N ASN B 68 7.34 41.42 7.99
CA ASN B 68 8.82 41.30 8.11
C ASN B 68 9.27 41.39 9.58
N ALA B 69 8.37 41.66 10.53
CA ALA B 69 8.68 41.52 11.99
C ALA B 69 8.90 40.04 12.36
N CYS B 70 8.39 39.18 11.50
CA CYS B 70 8.54 37.72 11.60
C CYS B 70 10.00 37.31 11.42
N GLU B 71 10.90 38.17 10.92
CA GLU B 71 12.30 37.78 10.62
C GLU B 71 13.02 37.37 11.94
N LYS B 72 12.90 38.16 13.00
CA LYS B 72 13.52 37.79 14.31
C LYS B 72 12.99 36.43 14.80
N THR B 73 11.68 36.18 14.65
CA THR B 73 11.02 34.94 15.06
C THR B 73 11.57 33.77 14.24
N SER B 74 11.68 33.93 12.93
CA SER B 74 12.24 32.90 12.05
C SER B 74 13.67 32.58 12.48
N PHE B 75 14.49 33.60 12.70
CA PHE B 75 15.87 33.43 13.18
C PHE B 75 15.90 32.62 14.49
N THR B 76 15.13 33.01 15.51
CA THR B 76 15.25 32.40 16.86
C THR B 76 14.76 30.97 16.76
N PHE B 77 13.76 30.72 15.91
CA PHE B 77 13.26 29.34 15.69
C PHE B 77 14.36 28.51 15.00
N LEU B 78 14.89 29.01 13.89
CA LEU B 78 15.80 28.25 12.99
C LEU B 78 17.17 28.03 13.62
N ARG B 79 17.67 28.94 14.45
CA ARG B 79 19.02 28.70 15.05
C ARG B 79 18.95 27.56 16.07
N GLN B 80 17.77 27.19 16.55
CA GLN B 80 17.56 25.93 17.35
C GLN B 80 17.08 24.79 16.45
N GLU B 81 16.07 25.00 15.61
CA GLU B 81 15.42 23.90 14.86
C GLU B 81 16.39 23.29 13.85
N LEU B 82 17.16 24.08 13.11
CA LEU B 82 18.04 23.47 12.07
C LEU B 82 19.12 22.61 12.76
N PRO B 83 19.80 23.05 13.84
CA PRO B 83 20.66 22.15 14.60
C PRO B 83 19.96 20.89 15.10
N VAL B 84 18.71 20.98 15.56
CA VAL B 84 17.99 19.76 16.00
C VAL B 84 17.79 18.80 14.83
N ARG B 85 17.32 19.30 13.68
CA ARG B 85 17.06 18.39 12.54
C ARG B 85 18.37 17.83 12.00
N LEU B 86 19.39 18.66 11.83
CA LEU B 86 20.74 18.19 11.41
C LEU B 86 21.21 17.09 12.38
N ALA B 87 21.15 17.32 13.68
CA ALA B 87 21.76 16.44 14.69
C ALA B 87 20.99 15.13 14.73
N ASN B 88 19.65 15.18 14.62
CA ASN B 88 18.82 13.97 14.69
C ASN B 88 19.23 13.01 13.56
N ILE B 89 19.37 13.51 12.35
CA ILE B 89 19.66 12.58 11.21
C ILE B 89 21.15 12.21 11.24
N MET B 90 22.03 13.09 11.70
CA MET B 90 23.49 12.77 11.85
C MET B 90 23.70 11.60 12.82
N LYS B 91 22.93 11.48 13.87
CA LYS B 91 22.92 10.29 14.76
C LYS B 91 22.65 9.02 13.96
N GLU B 92 21.70 9.05 13.00
CA GLU B 92 21.36 7.86 12.18
C GLU B 92 22.41 7.60 11.12
N ILE B 93 23.00 8.63 10.49
CA ILE B 93 24.12 8.41 9.55
C ILE B 93 25.17 7.55 10.26
N ASN B 94 25.46 7.86 11.54
CA ASN B 94 26.55 7.22 12.32
C ASN B 94 26.20 5.78 12.68
N LEU B 95 24.94 5.37 12.52
CA LEU B 95 24.48 3.98 12.78
C LEU B 95 24.52 3.14 11.50
N LEU B 96 24.90 3.70 10.34
CA LEU B 96 24.99 2.91 9.10
C LEU B 96 26.08 1.87 9.31
N PRO B 97 25.97 0.71 8.64
CA PRO B 97 27.02 -0.31 8.68
C PRO B 97 28.34 0.35 8.29
N ASP B 98 29.46 -0.07 8.91
CA ASP B 98 30.79 0.52 8.65
C ASP B 98 31.07 0.61 7.15
N ARG B 99 30.76 -0.43 6.39
CA ARG B 99 31.17 -0.49 4.97
C ARG B 99 30.34 0.50 4.14
N VAL B 100 29.18 0.99 4.63
CA VAL B 100 28.46 2.10 3.94
C VAL B 100 28.97 3.43 4.45
N LEU B 101 29.11 3.55 5.75
CA LEU B 101 29.51 4.83 6.42
C LEU B 101 30.88 5.29 5.93
N SER B 102 31.81 4.38 5.68
CA SER B 102 33.20 4.75 5.32
C SER B 102 33.29 5.16 3.84
N THR B 103 32.27 4.99 3.02
CA THR B 103 32.41 5.34 1.59
C THR B 103 32.74 6.83 1.47
N PRO B 104 33.52 7.24 0.46
CA PRO B 104 33.89 8.64 0.35
C PRO B 104 32.68 9.57 0.21
N SER B 105 31.66 9.16 -0.52
CA SER B 105 30.44 9.98 -0.70
C SER B 105 29.66 10.12 0.60
N VAL B 106 29.51 9.07 1.40
CA VAL B 106 28.79 9.22 2.70
C VAL B 106 29.62 10.12 3.63
N GLN B 107 30.94 9.96 3.64
CA GLN B 107 31.83 10.77 4.49
C GLN B 107 31.72 12.21 4.04
N LEU B 108 31.62 12.46 2.73
CA LEU B 108 31.48 13.83 2.20
C LEU B 108 30.17 14.43 2.70
N VAL B 109 29.05 13.70 2.62
CA VAL B 109 27.74 14.24 3.05
C VAL B 109 27.82 14.53 4.57
N GLN B 110 28.40 13.63 5.35
CA GLN B 110 28.50 13.80 6.82
C GLN B 110 29.34 15.04 7.09
N SER B 111 30.38 15.31 6.33
CA SER B 111 31.26 16.50 6.56
C SER B 111 30.48 17.78 6.29
N TRP B 112 29.59 17.80 5.28
CA TRP B 112 28.75 19.00 4.97
C TRP B 112 27.82 19.28 6.16
N TYR B 113 27.11 18.24 6.65
CA TYR B 113 26.16 18.34 7.79
C TYR B 113 26.92 18.88 9.00
N VAL B 114 28.13 18.39 9.27
CA VAL B 114 28.92 18.85 10.45
C VAL B 114 29.22 20.34 10.26
N GLN B 115 29.71 20.72 9.09
CA GLN B 115 30.09 22.15 8.86
C GLN B 115 28.83 23.01 8.96
N SER B 116 27.72 22.56 8.39
CA SER B 116 26.46 23.35 8.43
C SER B 116 26.02 23.51 9.90
N LEU B 117 26.15 22.48 10.71
CA LEU B 117 25.78 22.55 12.15
C LEU B 117 26.65 23.63 12.81
N LEU B 118 27.97 23.60 12.60
CA LEU B 118 28.90 24.59 13.22
C LEU B 118 28.57 26.00 12.73
N ASP B 119 28.26 26.17 11.45
CA ASP B 119 27.89 27.49 10.89
C ASP B 119 26.72 28.06 11.69
N ILE B 120 25.70 27.25 12.00
CA ILE B 120 24.45 27.78 12.64
C ILE B 120 24.74 28.01 14.11
N MET B 121 25.60 27.20 14.72
CA MET B 121 25.97 27.36 16.14
C MET B 121 26.64 28.71 16.40
N GLU B 122 27.32 29.29 15.42
CA GLU B 122 27.92 30.66 15.54
C GLU B 122 26.85 31.71 15.90
N PHE B 123 25.56 31.43 15.65
CA PHE B 123 24.46 32.39 15.87
C PHE B 123 23.79 32.23 17.25
N LEU B 124 24.14 31.20 18.04
CA LEU B 124 23.36 30.85 19.27
C LEU B 124 23.45 31.98 20.33
N ASP B 125 24.50 32.77 20.34
CA ASP B 125 24.68 33.86 21.34
C ASP B 125 24.44 35.23 20.72
N LYS B 126 24.05 35.32 19.43
CA LYS B 126 24.01 36.60 18.70
C LYS B 126 22.64 37.24 18.90
N ASP B 127 22.60 38.57 18.77
CA ASP B 127 21.43 39.38 19.21
C ASP B 127 20.45 39.46 18.03
N PRO B 128 19.21 38.94 18.18
CA PRO B 128 18.21 39.06 17.11
C PRO B 128 17.83 40.52 16.81
N GLU B 129 18.03 41.40 17.78
CA GLU B 129 17.65 42.83 17.69
C GLU B 129 18.61 43.53 16.73
N ASP B 130 19.76 42.92 16.43
CA ASP B 130 20.80 43.52 15.55
C ASP B 130 20.55 43.06 14.11
N HIS B 131 20.14 43.97 13.23
CA HIS B 131 19.79 43.70 11.81
C HIS B 131 20.97 43.01 11.09
N ARG B 132 22.19 43.21 11.59
CA ARG B 132 23.44 42.54 11.11
C ARG B 132 23.36 41.03 11.37
N THR B 133 23.00 40.60 12.58
CA THR B 133 22.76 39.17 12.94
C THR B 133 21.83 38.53 11.88
N LEU B 134 20.69 39.17 11.59
CA LEU B 134 19.66 38.60 10.69
C LEU B 134 20.23 38.51 9.28
N SER B 135 20.90 39.54 8.78
CA SER B 135 21.45 39.51 7.40
C SER B 135 22.58 38.47 7.34
N GLN B 136 23.42 38.37 8.36
CA GLN B 136 24.48 37.35 8.41
C GLN B 136 23.85 35.95 8.44
N PHE B 137 22.73 35.80 9.17
CA PHE B 137 22.09 34.48 9.29
C PHE B 137 21.58 34.05 7.92
N THR B 138 20.93 34.96 7.19
CA THR B 138 20.41 34.62 5.84
C THR B 138 21.57 34.21 4.94
N ASP B 139 22.69 34.94 4.96
CA ASP B 139 23.90 34.58 4.18
C ASP B 139 24.38 33.16 4.55
N ALA B 140 24.43 32.84 5.83
CA ALA B 140 24.86 31.51 6.31
C ALA B 140 23.89 30.42 5.79
N LEU B 141 22.59 30.69 5.72
CA LEU B 141 21.62 29.67 5.23
C LEU B 141 21.80 29.49 3.73
N VAL B 142 22.11 30.57 3.01
CA VAL B 142 22.35 30.48 1.54
C VAL B 142 23.60 29.64 1.30
N THR B 143 24.67 29.87 2.08
CA THR B 143 25.92 29.09 2.03
C THR B 143 25.61 27.61 2.24
N ILE B 144 24.79 27.31 3.24
CA ILE B 144 24.39 25.91 3.57
C ILE B 144 23.61 25.30 2.39
N ARG B 145 22.59 25.99 1.92
CA ARG B 145 21.78 25.50 0.79
C ARG B 145 22.69 25.18 -0.41
N ASN B 146 23.65 26.05 -0.73
CA ASN B 146 24.58 25.82 -1.86
C ASN B 146 25.44 24.57 -1.58
N ARG B 147 25.95 24.44 -0.35
CA ARG B 147 26.88 23.38 0.06
C ARG B 147 26.15 22.06 -0.11
N HIS B 148 24.86 22.02 0.21
CA HIS B 148 24.06 20.76 0.28
C HIS B 148 23.35 20.50 -1.05
N ASN B 149 23.61 21.29 -2.09
CA ASN B 149 22.79 21.24 -3.33
C ASN B 149 22.81 19.82 -3.93
N ASP B 150 23.92 19.12 -3.83
CA ASP B 150 24.10 17.79 -4.48
C ASP B 150 24.00 16.65 -3.46
N VAL B 151 23.39 16.86 -2.31
CA VAL B 151 23.30 15.80 -1.26
C VAL B 151 22.59 14.56 -1.80
N VAL B 152 21.51 14.70 -2.57
CA VAL B 152 20.71 13.51 -2.99
C VAL B 152 21.57 12.58 -3.85
N PRO B 153 22.16 13.04 -4.96
CA PRO B 153 22.99 12.13 -5.76
C PRO B 153 24.29 11.72 -5.05
N THR B 154 24.86 12.55 -4.18
CA THR B 154 26.10 12.19 -3.46
C THR B 154 25.81 11.00 -2.51
N MET B 155 24.72 11.06 -1.74
CA MET B 155 24.35 9.97 -0.81
C MET B 155 24.12 8.70 -1.65
N ALA B 156 23.42 8.82 -2.78
CA ALA B 156 23.13 7.65 -3.63
C ALA B 156 24.45 7.07 -4.15
N GLN B 157 25.40 7.91 -4.51
CA GLN B 157 26.69 7.47 -5.03
C GLN B 157 27.42 6.67 -3.92
N GLY B 158 27.26 7.03 -2.65
CA GLY B 158 27.88 6.29 -1.55
C GLY B 158 27.33 4.89 -1.42
N VAL B 159 26.02 4.75 -1.63
CA VAL B 159 25.37 3.40 -1.58
C VAL B 159 25.88 2.57 -2.74
N LEU B 160 26.02 3.17 -3.91
CA LEU B 160 26.56 2.52 -5.11
C LEU B 160 28.02 2.10 -4.87
N GLU B 161 28.83 2.97 -4.27
CA GLU B 161 30.26 2.67 -3.91
C GLU B 161 30.25 1.36 -3.08
N TYR B 162 29.31 1.26 -2.15
CA TYR B 162 29.15 0.10 -1.26
C TYR B 162 28.78 -1.14 -2.09
N LYS B 163 27.77 -1.00 -2.94
CA LYS B 163 27.27 -2.10 -3.81
C LYS B 163 28.41 -2.62 -4.70
N ASP B 164 29.17 -1.71 -5.31
CA ASP B 164 30.17 -2.01 -6.36
C ASP B 164 31.44 -2.54 -5.71
N THR B 165 31.61 -2.35 -4.39
CA THR B 165 32.78 -2.86 -3.64
C THR B 165 32.50 -4.27 -3.10
N TYR B 166 31.30 -4.54 -2.56
CA TYR B 166 31.04 -5.77 -1.77
C TYR B 166 30.12 -6.73 -2.50
N GLY B 167 29.36 -6.24 -3.48
CA GLY B 167 28.38 -7.06 -4.22
C GLY B 167 27.12 -7.38 -3.41
N ASP B 168 26.83 -6.64 -2.34
CA ASP B 168 25.55 -6.72 -1.57
C ASP B 168 24.52 -5.87 -2.31
N ASP B 169 23.41 -6.45 -2.80
CA ASP B 169 22.33 -5.68 -3.47
C ASP B 169 21.65 -4.78 -2.43
N PRO B 170 21.85 -3.44 -2.50
CA PRO B 170 21.24 -2.51 -1.55
C PRO B 170 19.70 -2.52 -1.57
N VAL B 171 19.08 -2.90 -2.70
CA VAL B 171 17.60 -3.11 -2.83
C VAL B 171 17.10 -4.05 -1.71
N SER B 172 17.86 -5.09 -1.39
CA SER B 172 17.47 -6.16 -0.44
C SER B 172 17.96 -5.86 1.00
N ASN B 173 18.77 -4.80 1.19
CA ASN B 173 19.32 -4.41 2.52
C ASN B 173 18.32 -3.50 3.23
N GLN B 174 17.61 -4.05 4.23
CA GLN B 174 16.49 -3.34 4.92
C GLN B 174 17.03 -2.13 5.70
N ASN B 175 18.21 -2.23 6.30
CA ASN B 175 18.96 -1.11 6.95
C ASN B 175 19.07 0.09 6.01
N ILE B 176 19.64 -0.11 4.83
CA ILE B 176 19.91 0.99 3.85
C ILE B 176 18.57 1.59 3.39
N GLN B 177 17.56 0.75 3.12
CA GLN B 177 16.22 1.23 2.64
C GLN B 177 15.58 2.08 3.73
N TYR B 178 15.60 1.61 4.98
CA TYR B 178 15.05 2.34 6.15
C TYR B 178 15.75 3.69 6.31
N PHE B 179 17.08 3.67 6.29
CA PHE B 179 17.90 4.90 6.44
C PHE B 179 17.60 5.90 5.33
N LEU B 180 17.65 5.47 4.07
CA LEU B 180 17.51 6.41 2.94
C LEU B 180 16.12 7.10 2.99
N ASP B 181 15.05 6.40 3.34
CA ASP B 181 13.71 7.01 3.44
C ASP B 181 13.76 8.14 4.48
N ARG B 182 14.40 7.90 5.62
CA ARG B 182 14.43 8.88 6.71
C ARG B 182 15.39 10.02 6.35
N PHE B 183 16.54 9.70 5.77
CA PHE B 183 17.56 10.70 5.37
C PHE B 183 16.94 11.67 4.35
N TYR B 184 16.30 11.14 3.30
CA TYR B 184 15.82 11.99 2.19
C TYR B 184 14.60 12.79 2.65
N LEU B 185 13.76 12.23 3.54
CA LEU B 185 12.64 13.00 4.11
C LEU B 185 13.18 14.12 5.03
N SER B 186 14.17 13.83 5.87
CA SER B 186 14.87 14.88 6.64
C SER B 186 15.40 15.98 5.71
N ARG B 187 16.04 15.60 4.61
N ARG B 187 16.10 15.62 4.61
CA ARG B 187 16.67 16.55 3.64
CA ARG B 187 16.69 16.60 3.64
C ARG B 187 15.56 17.47 3.07
C ARG B 187 15.57 17.47 3.05
N ILE B 188 14.44 16.88 2.68
CA ILE B 188 13.29 17.67 2.15
C ILE B 188 12.87 18.71 3.18
N SER B 189 12.80 18.32 4.44
CA SER B 189 12.30 19.19 5.54
C SER B 189 13.31 20.31 5.79
N ILE B 190 14.62 20.00 5.75
CA ILE B 190 15.67 21.05 5.92
C ILE B 190 15.65 22.05 4.78
N ARG B 191 15.55 21.57 3.54
CA ARG B 191 15.47 22.43 2.35
C ARG B 191 14.21 23.30 2.44
N MET B 192 13.10 22.78 2.92
CA MET B 192 11.85 23.59 3.08
C MET B 192 12.12 24.73 4.09
N LEU B 193 12.62 24.44 5.29
CA LEU B 193 12.87 25.51 6.29
C LEU B 193 13.82 26.55 5.68
N ILE B 194 14.88 26.14 4.98
CA ILE B 194 15.92 27.07 4.48
C ILE B 194 15.29 27.93 3.37
N ASN B 195 14.57 27.30 2.46
CA ASN B 195 13.86 27.99 1.35
C ASN B 195 12.90 29.03 1.92
N GLN B 196 12.10 28.68 2.93
CA GLN B 196 11.07 29.59 3.49
C GLN B 196 11.77 30.83 4.03
N HIS B 197 12.87 30.65 4.79
CA HIS B 197 13.55 31.81 5.39
C HIS B 197 14.21 32.63 4.28
N THR B 198 14.98 32.00 3.41
CA THR B 198 15.81 32.77 2.43
C THR B 198 14.87 33.43 1.39
N LEU B 199 13.79 32.77 0.98
CA LEU B 199 12.92 33.37 -0.07
C LEU B 199 12.03 34.45 0.52
N ILE B 200 11.71 34.42 1.81
CA ILE B 200 10.84 35.48 2.40
C ILE B 200 11.71 36.68 2.79
N PHE B 201 12.87 36.47 3.40
CA PHE B 201 13.63 37.54 4.09
C PHE B 201 14.85 37.98 3.30
N ASP B 202 15.19 37.38 2.15
CA ASP B 202 16.45 37.75 1.45
C ASP B 202 16.31 39.12 0.78
N GLY B 203 15.09 39.55 0.47
CA GLY B 203 14.82 40.92 -0.01
C GLY B 203 15.31 41.10 -1.43
N SER B 204 15.03 40.12 -2.29
CA SER B 204 15.21 40.15 -3.77
C SER B 204 14.35 41.29 -4.37
N THR B 205 15.00 42.35 -4.89
CA THR B 205 14.37 43.61 -5.40
C THR B 205 13.10 43.32 -6.21
N ASN B 206 13.18 42.48 -7.26
CA ASN B 206 12.04 42.04 -8.11
C ASN B 206 12.00 40.51 -8.14
N PRO B 207 11.26 39.83 -7.23
CA PRO B 207 11.29 38.37 -7.12
C PRO B 207 10.59 37.60 -8.26
N ALA B 208 11.12 36.41 -8.59
CA ALA B 208 10.68 35.49 -9.66
C ALA B 208 9.15 35.28 -9.65
N HIS B 209 8.61 34.63 -8.61
CA HIS B 209 7.16 34.37 -8.40
C HIS B 209 6.65 35.29 -7.29
N PRO B 210 6.27 36.55 -7.60
CA PRO B 210 5.98 37.54 -6.55
C PRO B 210 4.77 37.24 -5.64
N LYS B 211 3.85 36.35 -6.04
CA LYS B 211 2.60 36.03 -5.29
C LYS B 211 2.83 34.87 -4.30
N HIS B 212 3.99 34.23 -4.32
CA HIS B 212 4.35 33.10 -3.41
C HIS B 212 4.78 33.65 -2.05
N ILE B 213 4.55 32.87 -1.01
CA ILE B 213 5.09 33.07 0.36
C ILE B 213 6.25 32.09 0.53
N GLY B 214 7.48 32.56 0.30
CA GLY B 214 8.64 31.67 0.15
C GLY B 214 8.44 30.72 -1.02
N SER B 215 8.42 29.43 -0.73
CA SER B 215 8.28 28.38 -1.76
C SER B 215 6.80 27.97 -1.90
N ILE B 216 5.90 28.55 -1.11
CA ILE B 216 4.47 28.15 -1.07
C ILE B 216 3.70 29.05 -2.02
N ASP B 217 2.93 28.43 -2.89
CA ASP B 217 1.91 29.13 -3.70
C ASP B 217 0.58 28.96 -3.01
N PRO B 218 0.02 30.02 -2.40
CA PRO B 218 -1.26 29.87 -1.71
C PRO B 218 -2.44 29.77 -2.69
N ASN B 219 -2.17 29.93 -3.98
CA ASN B 219 -3.18 29.81 -5.07
C ASN B 219 -2.60 28.95 -6.20
N CYS B 220 -1.99 27.84 -5.85
CA CYS B 220 -1.35 26.92 -6.80
C CYS B 220 -2.38 26.34 -7.77
N ASN B 221 -2.25 26.64 -9.05
CA ASN B 221 -3.04 26.03 -10.15
C ASN B 221 -2.41 24.67 -10.49
N VAL B 222 -3.06 23.61 -10.10
CA VAL B 222 -2.46 22.24 -10.14
C VAL B 222 -2.24 21.84 -11.61
N SER B 223 -3.20 22.09 -12.50
CA SER B 223 -3.04 21.79 -13.94
C SER B 223 -1.81 22.46 -14.56
N GLU B 224 -1.46 23.69 -14.17
CA GLU B 224 -0.30 24.41 -14.75
C GLU B 224 0.98 23.68 -14.33
N VAL B 225 1.01 23.19 -13.10
CA VAL B 225 2.19 22.41 -12.62
C VAL B 225 2.25 21.08 -13.37
N VAL B 226 1.10 20.47 -13.62
CA VAL B 226 1.07 19.21 -14.42
C VAL B 226 1.64 19.50 -15.82
N LYS B 227 1.18 20.58 -16.47
CA LYS B 227 1.64 20.93 -17.85
C LYS B 227 3.15 21.23 -17.86
N ASP B 228 3.66 21.95 -16.87
CA ASP B 228 5.10 22.27 -16.77
C ASP B 228 5.91 20.96 -16.62
N ALA B 229 5.48 20.02 -15.77
CA ALA B 229 6.19 18.74 -15.56
C ALA B 229 6.16 17.93 -16.85
N TYR B 230 4.99 17.87 -17.52
CA TYR B 230 4.86 17.19 -18.82
C TYR B 230 5.84 17.79 -19.84
N ASP B 231 5.87 19.12 -19.96
CA ASP B 231 6.71 19.81 -20.97
C ASP B 231 8.17 19.41 -20.77
N MET B 232 8.64 19.37 -19.52
CA MET B 232 10.07 19.09 -19.23
C MET B 232 10.36 17.61 -19.50
N ALA B 233 9.44 16.70 -19.13
CA ALA B 233 9.62 15.27 -19.43
C ALA B 233 9.58 15.04 -20.95
N LYS B 234 8.71 15.75 -21.66
CA LYS B 234 8.60 15.61 -23.13
C LYS B 234 9.89 16.10 -23.79
N LEU B 235 10.49 17.18 -23.31
CA LEU B 235 11.81 17.68 -23.82
C LEU B 235 12.85 16.55 -23.75
N LEU B 236 12.96 15.90 -22.60
CA LEU B 236 13.91 14.78 -22.37
C LEU B 236 13.55 13.59 -23.27
N CYS B 237 12.28 13.19 -23.33
CA CYS B 237 11.82 12.04 -24.15
C CYS B 237 12.15 12.29 -25.63
N ASP B 238 11.92 13.51 -26.12
CA ASP B 238 12.16 13.87 -27.54
C ASP B 238 13.66 13.79 -27.87
N LYS B 239 14.56 14.05 -26.90
CA LYS B 239 16.03 13.86 -27.04
C LYS B 239 16.41 12.41 -27.41
N TYR B 240 15.83 11.40 -26.78
CA TYR B 240 16.26 9.98 -26.89
C TYR B 240 15.36 9.21 -27.88
N TYR B 241 14.08 9.58 -27.98
CA TYR B 241 13.03 8.79 -28.69
C TYR B 241 12.52 9.58 -29.88
N MET B 242 12.04 8.90 -30.92
CA MET B 242 11.56 9.61 -32.12
C MET B 242 10.16 10.15 -31.89
N ALA B 243 9.44 9.73 -30.83
CA ALA B 243 8.04 10.13 -30.58
C ALA B 243 7.78 10.18 -29.08
N SER B 244 6.86 11.00 -28.62
CA SER B 244 6.47 11.05 -27.19
C SER B 244 4.95 11.10 -27.12
N PRO B 245 4.34 10.51 -26.07
CA PRO B 245 2.90 10.62 -25.91
C PRO B 245 2.45 12.06 -25.67
N ASP B 246 1.26 12.35 -26.15
CA ASP B 246 0.58 13.64 -25.86
C ASP B 246 0.09 13.62 -24.40
N LEU B 247 -0.31 14.78 -23.92
CA LEU B 247 -0.96 14.97 -22.59
C LEU B 247 -2.45 15.27 -22.74
N GLU B 248 -3.30 14.63 -21.91
CA GLU B 248 -4.71 15.02 -21.73
C GLU B 248 -4.97 15.24 -20.24
N ILE B 249 -5.55 16.38 -19.87
CA ILE B 249 -5.88 16.69 -18.46
C ILE B 249 -7.38 16.85 -18.32
N GLN B 250 -7.97 16.23 -17.32
CA GLN B 250 -9.38 16.43 -16.92
C GLN B 250 -9.40 16.86 -15.45
N GLU B 251 -10.28 17.79 -15.09
CA GLU B 251 -10.46 18.28 -13.70
C GLU B 251 -11.87 17.94 -13.24
N ILE B 252 -12.01 17.46 -12.01
CA ILE B 252 -13.30 17.29 -11.29
C ILE B 252 -13.22 18.09 -9.99
N ASN B 253 -13.78 19.30 -9.97
CA ASN B 253 -13.94 20.12 -8.76
C ASN B 253 -15.31 19.77 -8.16
N ALA B 254 -15.36 18.84 -7.23
CA ALA B 254 -16.65 18.23 -6.80
C ALA B 254 -17.61 19.32 -6.30
N ALA B 255 -17.12 20.25 -5.49
CA ALA B 255 -17.93 21.29 -4.80
C ALA B 255 -18.29 22.41 -5.77
N ASN B 256 -17.49 22.67 -6.80
CA ASN B 256 -17.69 23.81 -7.74
C ASN B 256 -17.18 23.42 -9.11
N SER B 257 -17.98 22.70 -9.89
CA SER B 257 -17.58 22.06 -11.16
C SER B 257 -16.99 23.08 -12.16
N LYS B 258 -17.37 24.36 -12.09
CA LYS B 258 -16.93 25.41 -13.06
C LYS B 258 -15.58 26.02 -12.67
N GLN B 259 -15.11 25.78 -11.44
CA GLN B 259 -13.94 26.45 -10.84
C GLN B 259 -12.69 25.64 -11.19
N PRO B 260 -11.70 26.24 -11.88
CA PRO B 260 -10.35 25.66 -12.01
C PRO B 260 -9.80 25.30 -10.63
N ILE B 261 -9.15 24.15 -10.51
CA ILE B 261 -8.69 23.65 -9.20
C ILE B 261 -7.41 24.40 -8.79
N HIS B 262 -7.42 24.95 -7.58
CA HIS B 262 -6.29 25.65 -6.95
C HIS B 262 -6.17 25.08 -5.53
N MET B 263 -4.99 25.14 -4.96
CA MET B 263 -4.75 24.71 -3.57
C MET B 263 -3.56 25.47 -3.02
N VAL B 264 -3.34 25.37 -1.71
CA VAL B 264 -2.08 25.82 -1.08
C VAL B 264 -1.07 24.68 -1.17
N TYR B 265 0.00 24.85 -1.92
CA TYR B 265 1.08 23.83 -1.97
C TYR B 265 2.40 24.50 -2.33
N VAL B 266 3.47 23.71 -2.21
CA VAL B 266 4.81 24.04 -2.71
C VAL B 266 4.93 23.51 -4.14
N PRO B 267 4.81 24.37 -5.17
CA PRO B 267 4.75 23.88 -6.56
C PRO B 267 6.00 23.14 -7.01
N SER B 268 7.19 23.48 -6.49
CA SER B 268 8.44 22.75 -6.87
C SER B 268 8.33 21.28 -6.42
N HIS B 269 7.80 21.00 -5.23
CA HIS B 269 7.60 19.61 -4.73
C HIS B 269 6.63 18.87 -5.65
N LEU B 270 5.53 19.52 -6.02
CA LEU B 270 4.52 18.88 -6.89
C LEU B 270 5.16 18.61 -8.26
N TYR B 271 5.92 19.56 -8.77
CA TYR B 271 6.65 19.42 -10.04
C TYR B 271 7.60 18.21 -9.98
N HIS B 272 8.35 18.04 -8.89
CA HIS B 272 9.32 16.94 -8.78
C HIS B 272 8.59 15.60 -8.86
N MET B 273 7.44 15.48 -8.18
CA MET B 273 6.65 14.21 -8.22
C MET B 273 6.15 13.95 -9.66
N LEU B 274 5.56 14.97 -10.27
CA LEU B 274 4.92 14.81 -11.60
C LEU B 274 5.97 14.63 -12.68
N PHE B 275 7.15 15.22 -12.54
CA PHE B 275 8.23 15.03 -13.52
C PHE B 275 8.66 13.57 -13.51
N GLU B 276 8.95 13.03 -12.33
CA GLU B 276 9.30 11.60 -12.18
C GLU B 276 8.22 10.70 -12.80
N LEU B 277 6.93 10.91 -12.49
CA LEU B 277 5.84 10.04 -12.99
C LEU B 277 5.69 10.17 -14.51
N PHE B 278 5.80 11.37 -15.06
CA PHE B 278 5.74 11.53 -16.53
C PHE B 278 6.91 10.79 -17.20
N LYS B 279 8.13 10.92 -16.68
CA LYS B 279 9.33 10.25 -17.25
C LYS B 279 9.05 8.74 -17.34
N ASN B 280 8.58 8.14 -16.26
CA ASN B 280 8.33 6.69 -16.18
C ASN B 280 7.18 6.29 -17.14
N ALA B 281 6.07 7.02 -17.14
CA ALA B 281 4.93 6.73 -18.05
C ALA B 281 5.38 6.88 -19.50
N MET B 282 6.17 7.91 -19.83
CA MET B 282 6.67 8.08 -21.21
C MET B 282 7.61 6.94 -21.57
N ARG B 283 8.53 6.56 -20.67
CA ARG B 283 9.47 5.45 -20.94
C ARG B 283 8.68 4.16 -21.20
N ALA B 284 7.71 3.85 -20.35
CA ALA B 284 6.89 2.62 -20.53
C ALA B 284 6.16 2.68 -21.87
N THR B 285 5.56 3.81 -22.20
CA THR B 285 4.71 3.93 -23.41
C THR B 285 5.57 3.73 -24.65
N VAL B 286 6.72 4.38 -24.71
CA VAL B 286 7.64 4.28 -25.87
C VAL B 286 8.16 2.85 -25.98
N GLU B 287 8.56 2.22 -24.88
CA GLU B 287 9.23 0.90 -24.92
C GLU B 287 8.22 -0.18 -25.31
N SER B 288 6.95 0.01 -25.01
CA SER B 288 5.88 -0.93 -25.40
C SER B 288 5.35 -0.60 -26.79
N HIS B 289 5.76 0.49 -27.41
CA HIS B 289 5.29 0.88 -28.77
C HIS B 289 6.51 1.31 -29.61
N GLU B 290 7.45 0.39 -29.83
CA GLU B 290 8.86 0.65 -30.20
C GLU B 290 8.98 1.56 -31.43
N SER B 291 8.25 1.27 -32.49
CA SER B 291 8.49 2.01 -33.76
C SER B 291 7.32 2.94 -34.09
N SER B 292 6.44 3.19 -33.10
CA SER B 292 5.22 4.00 -33.31
C SER B 292 5.59 5.47 -33.27
N LEU B 293 5.00 6.26 -34.16
CA LEU B 293 5.08 7.74 -34.17
C LEU B 293 3.79 8.30 -33.58
N ILE B 294 2.72 7.50 -33.48
CA ILE B 294 1.47 7.94 -32.81
C ILE B 294 1.26 7.02 -31.60
N LEU B 295 1.47 7.60 -30.44
CA LEU B 295 1.49 6.84 -29.16
C LEU B 295 0.18 7.06 -28.44
N PRO B 296 -0.24 6.12 -27.57
CA PRO B 296 -1.36 6.37 -26.66
C PRO B 296 -1.03 7.56 -25.77
N PRO B 297 -1.97 8.51 -25.50
CA PRO B 297 -1.62 9.69 -24.70
C PRO B 297 -1.41 9.31 -23.23
N ILE B 298 -0.80 10.19 -22.46
CA ILE B 298 -0.83 10.08 -20.97
C ILE B 298 -2.01 10.93 -20.50
N LYS B 299 -2.94 10.33 -19.77
CA LYS B 299 -4.14 11.01 -19.25
C LYS B 299 -3.94 11.33 -17.78
N VAL B 300 -4.19 12.59 -17.43
CA VAL B 300 -4.16 13.04 -16.02
C VAL B 300 -5.57 13.49 -15.63
N MET B 301 -6.02 13.05 -14.48
CA MET B 301 -7.25 13.52 -13.82
C MET B 301 -6.88 14.17 -12.50
N VAL B 302 -7.36 15.40 -12.31
CA VAL B 302 -7.18 16.14 -11.03
C VAL B 302 -8.58 16.20 -10.40
N ALA B 303 -8.73 15.64 -9.21
CA ALA B 303 -10.00 15.62 -8.46
C ALA B 303 -9.79 16.38 -7.15
N LEU B 304 -10.70 17.31 -6.88
CA LEU B 304 -10.73 18.03 -5.60
C LEU B 304 -11.97 17.60 -4.83
N GLY B 305 -11.77 16.89 -3.71
CA GLY B 305 -12.81 16.57 -2.72
C GLY B 305 -12.75 17.50 -1.51
N GLU B 306 -13.48 17.16 -0.46
CA GLU B 306 -13.51 17.94 0.82
C GLU B 306 -12.18 17.81 1.55
N GLU B 307 -11.51 16.68 1.39
CA GLU B 307 -10.30 16.34 2.19
C GLU B 307 -9.07 16.16 1.30
N ASP B 308 -9.26 15.62 0.09
CA ASP B 308 -8.15 15.15 -0.79
C ASP B 308 -8.14 15.95 -2.08
N LEU B 309 -6.95 16.33 -2.51
CA LEU B 309 -6.68 16.66 -3.90
C LEU B 309 -5.92 15.46 -4.46
N SER B 310 -6.51 14.78 -5.44
CA SER B 310 -5.96 13.52 -6.01
C SER B 310 -5.58 13.77 -7.45
N ILE B 311 -4.39 13.34 -7.87
CA ILE B 311 -3.93 13.44 -9.27
C ILE B 311 -3.59 12.04 -9.73
N LYS B 312 -4.33 11.52 -10.71
CA LYS B 312 -4.09 10.19 -11.30
C LYS B 312 -3.48 10.40 -12.69
N MET B 313 -2.34 9.77 -12.93
CA MET B 313 -1.65 9.74 -14.23
C MET B 313 -1.82 8.31 -14.76
N SER B 314 -2.45 8.16 -15.93
CA SER B 314 -2.78 6.83 -16.53
C SER B 314 -2.05 6.70 -17.86
N ASP B 315 -1.39 5.58 -18.09
CA ASP B 315 -0.66 5.30 -19.35
C ASP B 315 -1.09 3.92 -19.88
N ARG B 316 -0.80 3.66 -21.14
CA ARG B 316 -1.00 2.33 -21.77
C ARG B 316 0.36 1.75 -22.13
N GLY B 317 1.28 1.77 -21.17
CA GLY B 317 2.67 1.34 -21.38
C GLY B 317 2.92 -0.14 -21.09
N GLY B 318 1.91 -0.98 -20.97
CA GLY B 318 2.20 -2.42 -20.87
C GLY B 318 2.31 -2.92 -19.44
N GLY B 319 2.60 -2.06 -18.47
CA GLY B 319 2.36 -2.40 -17.05
C GLY B 319 3.47 -3.23 -16.46
N VAL B 320 3.34 -3.50 -15.16
CA VAL B 320 4.35 -4.17 -14.28
C VAL B 320 3.60 -5.21 -13.46
N PRO B 321 4.06 -6.47 -13.38
CA PRO B 321 3.35 -7.45 -12.57
C PRO B 321 3.38 -7.00 -11.09
N LEU B 322 2.31 -7.34 -10.37
CA LEU B 322 2.12 -6.90 -8.97
C LEU B 322 3.36 -7.24 -8.14
N ARG B 323 3.95 -8.41 -8.32
CA ARG B 323 5.11 -8.87 -7.51
C ARG B 323 6.29 -7.87 -7.63
N LYS B 324 6.39 -7.11 -8.73
CA LYS B 324 7.58 -6.26 -9.01
C LYS B 324 7.33 -4.80 -8.64
N ILE B 325 6.12 -4.43 -8.21
CA ILE B 325 5.84 -3.02 -7.84
C ILE B 325 6.76 -2.56 -6.69
N GLU B 326 6.92 -3.35 -5.64
CA GLU B 326 7.72 -2.99 -4.44
C GLU B 326 9.15 -2.62 -4.86
N ARG B 327 9.73 -3.33 -5.82
CA ARG B 327 11.11 -3.05 -6.32
C ARG B 327 11.20 -1.62 -6.87
N LEU B 328 10.16 -1.12 -7.54
CA LEU B 328 10.23 0.21 -8.16
C LEU B 328 10.44 1.27 -7.08
N PHE B 329 9.95 1.04 -5.85
CA PHE B 329 10.10 2.01 -4.74
C PHE B 329 11.33 1.76 -3.88
N SER B 330 12.17 0.79 -4.26
CA SER B 330 13.42 0.41 -3.57
C SER B 330 14.55 1.32 -4.06
N TYR B 331 15.31 1.89 -3.13
CA TYR B 331 16.52 2.67 -3.49
C TYR B 331 17.50 1.74 -4.22
N MET B 332 18.03 2.27 -5.31
CA MET B 332 19.10 1.67 -6.16
C MET B 332 18.56 0.46 -6.93
N TYR B 333 17.25 0.28 -7.06
CA TYR B 333 16.72 -0.70 -8.04
C TYR B 333 16.83 -0.10 -9.44
N SER B 334 17.28 -0.90 -10.41
CA SER B 334 17.25 -0.60 -11.88
C SER B 334 16.69 -1.82 -12.62
N THR B 335 16.10 -1.61 -13.78
CA THR B 335 15.48 -2.70 -14.57
C THR B 335 16.61 -3.51 -15.21
N THR B 346 21.40 5.09 -20.25
CA THR B 346 20.67 6.25 -19.66
C THR B 346 20.04 7.06 -20.79
N PRO B 347 18.74 6.82 -21.13
CA PRO B 347 17.89 7.82 -21.76
C PRO B 347 17.02 8.57 -20.74
N LEU B 348 15.90 7.95 -20.33
CA LEU B 348 15.05 8.35 -19.17
C LEU B 348 15.22 7.34 -18.04
N ALA B 349 16.39 6.69 -17.96
CA ALA B 349 16.66 5.65 -16.96
C ALA B 349 16.63 6.30 -15.58
N GLY B 350 16.63 5.46 -14.55
CA GLY B 350 16.56 5.94 -13.16
C GLY B 350 17.95 6.12 -12.60
N PHE B 351 18.06 6.85 -11.49
CA PHE B 351 19.33 7.06 -10.74
C PHE B 351 19.25 6.27 -9.45
N GLY B 352 18.16 5.50 -9.28
CA GLY B 352 17.92 4.64 -8.10
C GLY B 352 17.08 5.34 -7.05
N TYR B 353 16.68 6.60 -7.24
CA TYR B 353 15.96 7.30 -6.12
C TYR B 353 14.74 8.11 -6.59
N GLY B 354 14.50 8.33 -7.89
CA GLY B 354 13.45 9.27 -8.35
C GLY B 354 12.08 8.93 -7.76
N LEU B 355 11.63 7.69 -7.91
CA LEU B 355 10.26 7.32 -7.51
C LEU B 355 10.13 7.30 -5.98
N PRO B 356 11.00 6.64 -5.18
CA PRO B 356 10.86 6.70 -3.72
C PRO B 356 10.93 8.12 -3.16
N ILE B 357 11.80 8.97 -3.68
CA ILE B 357 11.86 10.38 -3.22
C ILE B 357 10.58 11.11 -3.63
N SER B 358 10.02 10.85 -4.81
CA SER B 358 8.70 11.43 -5.18
C SER B 358 7.65 11.08 -4.11
N ARG B 359 7.65 9.84 -3.66
CA ARG B 359 6.71 9.39 -2.63
C ARG B 359 7.00 10.13 -1.31
N LEU B 360 8.25 10.39 -0.97
CA LEU B 360 8.59 11.19 0.24
C LEU B 360 8.04 12.61 0.12
N TYR B 361 8.12 13.24 -1.05
CA TYR B 361 7.53 14.58 -1.21
C TYR B 361 6.03 14.53 -0.91
N ALA B 362 5.32 13.51 -1.40
CA ALA B 362 3.87 13.38 -1.12
C ALA B 362 3.64 13.19 0.38
N LYS B 363 4.44 12.35 1.03
CA LYS B 363 4.27 12.01 2.46
C LYS B 363 4.63 13.20 3.34
N TYR B 364 5.51 14.08 2.87
CA TYR B 364 6.08 15.14 3.73
C TYR B 364 4.93 15.99 4.30
N PHE B 365 3.89 16.31 3.52
CA PHE B 365 2.73 17.08 4.03
C PHE B 365 1.49 16.21 4.14
N GLN B 366 1.66 14.98 4.58
CA GLN B 366 0.60 14.01 4.99
C GLN B 366 -0.17 13.52 3.75
N GLY B 367 0.45 13.53 2.57
CA GLY B 367 -0.09 12.91 1.35
C GLY B 367 0.49 11.52 1.09
N ASP B 368 0.32 11.03 -0.12
CA ASP B 368 0.89 9.72 -0.50
C ASP B 368 1.00 9.66 -2.02
N LEU B 369 1.78 8.69 -2.46
CA LEU B 369 1.99 8.40 -3.90
C LEU B 369 1.87 6.89 -4.04
N GLN B 370 0.87 6.41 -4.79
CA GLN B 370 0.61 4.95 -4.93
C GLN B 370 0.61 4.58 -6.42
N LEU B 371 1.07 3.37 -6.72
CA LEU B 371 1.10 2.83 -8.10
C LEU B 371 0.13 1.66 -8.15
N PHE B 372 -0.67 1.57 -9.20
CA PHE B 372 -1.44 0.35 -9.44
C PHE B 372 -1.42 0.10 -10.95
N SER B 373 -0.84 -1.04 -11.27
CA SER B 373 -0.57 -1.44 -12.64
C SER B 373 -1.48 -2.60 -13.01
N MET B 374 -1.65 -2.79 -14.32
N MET B 374 -1.67 -2.77 -14.33
CA MET B 374 -2.36 -3.95 -14.91
CA MET B 374 -2.41 -3.88 -14.98
C MET B 374 -1.43 -4.50 -15.99
C MET B 374 -1.44 -4.50 -16.01
N GLU B 375 -0.74 -5.57 -15.64
CA GLU B 375 0.27 -6.21 -16.52
C GLU B 375 -0.41 -6.54 -17.85
N GLY B 376 0.23 -6.10 -18.93
CA GLY B 376 -0.27 -6.28 -20.30
C GLY B 376 -1.12 -5.10 -20.76
N PHE B 377 -1.42 -4.11 -19.91
CA PHE B 377 -2.24 -2.96 -20.33
C PHE B 377 -1.49 -1.64 -20.07
N GLY B 378 -1.27 -1.35 -18.79
CA GLY B 378 -0.75 -0.02 -18.45
C GLY B 378 -0.77 0.20 -16.95
N THR B 379 -0.43 1.42 -16.55
CA THR B 379 -0.18 1.78 -15.15
C THR B 379 -0.90 3.09 -14.81
N ASP B 380 -1.41 3.12 -13.59
CA ASP B 380 -2.00 4.32 -12.94
C ASP B 380 -1.08 4.66 -11.78
N ALA B 381 -0.66 5.91 -11.70
CA ALA B 381 0.02 6.46 -10.52
C ALA B 381 -0.87 7.54 -9.92
N VAL B 382 -1.00 7.56 -8.60
CA VAL B 382 -1.90 8.55 -7.95
C VAL B 382 -1.10 9.29 -6.89
N ILE B 383 -1.07 10.63 -7.00
CA ILE B 383 -0.61 11.53 -5.93
C ILE B 383 -1.85 11.93 -5.11
N TYR B 384 -1.81 11.67 -3.82
CA TYR B 384 -2.81 12.16 -2.84
C TYR B 384 -2.17 13.28 -2.02
N LEU B 385 -2.79 14.45 -2.07
CA LEU B 385 -2.40 15.62 -1.25
C LEU B 385 -3.60 15.99 -0.38
N LYS B 386 -3.32 16.59 0.77
CA LYS B 386 -4.38 17.21 1.62
C LYS B 386 -4.90 18.45 0.89
N ALA B 387 -6.22 18.56 0.77
CA ALA B 387 -6.90 19.73 0.18
C ALA B 387 -6.78 20.94 1.11
N LEU B 388 -6.64 20.73 2.43
CA LEU B 388 -6.63 21.84 3.43
C LEU B 388 -5.23 22.12 3.99
N SER B 389 -4.82 23.41 4.00
CA SER B 389 -3.49 23.82 4.48
C SER B 389 -3.31 23.44 5.96
N THR B 390 -4.39 23.36 6.74
CA THR B 390 -4.31 23.03 8.18
C THR B 390 -4.06 21.53 8.39
N ASP B 391 -4.42 20.68 7.42
CA ASP B 391 -4.19 19.20 7.46
C ASP B 391 -2.76 18.91 6.97
N SER B 392 -2.13 19.85 6.28
CA SER B 392 -0.79 19.67 5.65
C SER B 392 0.29 19.96 6.70
N VAL B 393 0.62 18.98 7.52
CA VAL B 393 1.63 19.12 8.60
C VAL B 393 2.90 18.34 8.22
N GLU B 394 4.07 18.92 8.45
CA GLU B 394 5.35 18.23 8.17
C GLU B 394 5.36 16.84 8.82
N ARG B 395 5.81 15.84 8.06
CA ARG B 395 6.10 14.47 8.57
C ARG B 395 7.62 14.39 8.69
N LEU B 396 8.13 14.21 9.91
CA LEU B 396 9.59 14.32 10.18
C LEU B 396 10.05 13.08 10.91
N PRO B 397 11.19 12.47 10.49
CA PRO B 397 11.76 11.37 11.25
C PRO B 397 12.35 11.93 12.54
N VAL B 398 12.25 11.17 13.63
CA VAL B 398 12.86 11.59 14.92
C VAL B 398 13.78 10.47 15.39
N TYR B 399 14.96 10.85 15.86
CA TYR B 399 15.95 9.90 16.38
C TYR B 399 15.51 9.47 17.78
N ASN B 400 15.16 8.20 17.94
CA ASN B 400 14.72 7.66 19.25
C ASN B 400 15.16 6.19 19.34
N LYS B 401 14.89 5.53 20.49
CA LYS B 401 15.24 4.11 20.74
C LYS B 401 14.69 3.23 19.61
N SER B 402 13.43 3.46 19.21
CA SER B 402 12.74 2.78 18.09
C SER B 402 13.59 2.85 16.81
N ALA B 403 14.02 4.05 16.41
CA ALA B 403 14.91 4.23 15.23
C ALA B 403 16.21 3.45 15.45
N TRP B 404 16.92 3.69 16.56
CA TRP B 404 18.19 3.00 16.93
C TRP B 404 18.07 1.49 16.70
N ARG B 405 17.00 0.85 17.14
CA ARG B 405 16.81 -0.63 17.04
C ARG B 405 17.03 -1.10 15.60
N HIS B 406 16.45 -0.40 14.60
CA HIS B 406 16.45 -0.82 13.17
C HIS B 406 17.88 -1.09 12.69
N TYR B 407 18.86 -0.33 13.16
CA TYR B 407 20.28 -0.43 12.74
C TYR B 407 21.02 -1.57 13.47
N GLN B 408 20.33 -2.35 14.32
CA GLN B 408 21.01 -3.36 15.21
C GLN B 408 20.87 -4.76 14.60
N THR B 409 21.98 -5.52 14.58
CA THR B 409 22.09 -6.91 14.05
C THR B 409 21.34 -7.86 15.00
C1 GOL C . -8.69 -33.28 -2.21
O1 GOL C . -8.56 -33.37 -3.62
C2 GOL C . -7.58 -32.46 -1.58
O2 GOL C . -8.12 -31.51 -0.66
C3 GOL C . -6.58 -33.33 -0.86
O3 GOL C . -5.46 -32.55 -0.47
S SO4 D . -14.24 11.24 10.87
O1 SO4 D . -15.02 11.76 11.96
O2 SO4 D . -15.01 10.23 10.19
O3 SO4 D . -13.93 12.32 9.97
O4 SO4 D . -13.04 10.65 11.39
S SO4 E . -8.51 -15.49 -33.00
O1 SO4 E . -8.72 -15.17 -31.62
O2 SO4 E . -9.12 -14.50 -33.85
O3 SO4 E . -9.12 -16.77 -33.26
O4 SO4 E . -7.10 -15.56 -33.27
S SO4 F . -17.80 -22.42 -0.04
O1 SO4 F . -18.83 -21.76 -0.80
O2 SO4 F . -17.87 -22.03 1.34
O3 SO4 F . -18.00 -23.85 -0.14
O4 SO4 F . -16.51 -22.08 -0.58
N1 EH3 G . -17.60 5.99 -2.59
N3 EH3 G . -18.75 7.41 -0.15
C4 EH3 G . -15.97 0.31 -2.37
C5 EH3 G . -16.37 1.55 -2.00
C6 EH3 G . -16.80 2.47 -2.96
C7 EH3 G . -17.27 3.79 -2.52
C8 EH3 G . -18.09 4.16 -1.53
C10 EH3 G . -18.61 3.17 -0.57
C13 EH3 G . -19.44 1.25 1.23
C15 EH3 G . -19.37 2.10 -1.00
C17 EH3 G . -18.34 -1.43 2.35
C20 EH3 G . -20.19 -0.93 3.95
C21 EH3 G . -16.70 -3.72 6.32
C22 EH3 G . -19.12 6.20 -0.55
C24 EH3 G . -18.74 7.75 2.36
C26 EH3 G . -18.10 5.98 4.06
C28 EH3 G . -16.78 8.07 3.91
C1 EH3 G . -16.92 2.07 -4.29
C2 EH3 G . -16.50 0.80 -4.66
C3 EH3 G . -16.03 -0.09 -3.70
O1 EH3 G . -17.33 2.93 -5.24
O2 EH3 G . -15.65 -1.36 -4.04
CL1 EH3 G . -15.42 -0.80 -1.14
C9 EH3 G . -18.29 5.51 -1.58
O3 EH3 G . -16.90 4.87 -3.22
C11 EH3 G . -18.21 3.22 0.76
C12 EH3 G . -18.63 2.27 1.67
C14 EH3 G . -19.81 1.15 -0.09
O4 EH3 G . -19.96 0.29 2.05
C16 EH3 G . -19.17 -0.36 3.01
C18 EH3 G . -17.51 -2.08 3.43
N2 EH3 G . -18.34 -2.56 4.56
C19 EH3 G . -19.78 -2.25 4.58
S1 EH3 G . -17.92 -4.05 5.12
O5 EH3 G . -19.04 -4.66 5.75
O6 EH3 G . -17.31 -4.79 4.06
O7 EH3 G . -20.04 5.60 -0.04
C23 EH3 G . -19.35 8.07 0.99
C25 EH3 G . -18.57 6.27 2.63
C27 EH3 G . -17.75 7.27 4.79
C29 EH3 G . -17.41 8.45 2.58
C30 EH3 G . -17.27 7.07 6.22
O8 EH3 G . -17.14 5.92 6.65
O9 EH3 G . -17.09 8.06 6.90
C1 GOL H . 8.38 8.88 14.32
O1 GOL H . 8.06 9.83 13.31
C2 GOL H . 9.57 8.01 13.95
O2 GOL H . 10.64 8.80 13.38
C3 GOL H . 10.12 7.19 15.10
O3 GOL H . 9.08 6.65 15.93
C1 GOL I . 8.86 29.96 10.83
O1 GOL I . 9.34 29.74 12.16
C2 GOL I . 9.76 29.37 9.76
O2 GOL I . 11.12 29.78 9.97
C3 GOL I . 9.24 29.70 8.36
O3 GOL I . 9.63 30.99 7.90
S SO4 J . 13.39 22.65 -4.05
O1 SO4 J . 12.08 23.24 -3.97
O2 SO4 J . 13.38 21.44 -3.25
O3 SO4 J . 13.74 22.32 -5.41
O4 SO4 J . 14.38 23.57 -3.52
N1 EH3 K . 5.44 -0.58 -17.27
N3 EH3 K . 7.67 -2.67 -17.62
C4 EH3 K . 6.03 3.69 -13.18
C5 EH3 K . 6.23 2.55 -13.89
C6 EH3 K . 5.53 2.33 -15.07
C7 EH3 K . 5.81 1.15 -15.86
C8 EH3 K . 6.98 0.60 -16.25
C10 EH3 K . 8.25 1.10 -15.67
C13 EH3 K . 10.62 1.95 -14.51
C15 EH3 K . 8.70 2.40 -15.87
C17 EH3 K . 13.68 3.06 -13.07
C20 EH3 K . 11.34 3.67 -12.06
C21 EH3 K . 14.14 3.00 -8.33
C22 EH3 K . 7.87 -1.35 -17.56
C24 EH3 K . 9.28 -4.37 -16.76
C26 EH3 K . 11.43 -5.54 -16.12
C28 EH3 K . 10.17 -4.25 -14.39
C1 EH3 K . 4.70 3.34 -15.56
C2 EH3 K . 4.49 4.49 -14.81
C3 EH3 K . 5.14 4.65 -13.59
O1 EH3 K . 4.04 3.11 -16.72
O2 EH3 K . 5.05 5.80 -12.87
CL1 EH3 K . 6.90 3.93 -11.68
C9 EH3 K . 6.74 -0.50 -17.06
O3 EH3 K . 4.80 0.46 -16.45
C11 EH3 K . 8.99 0.25 -14.85
C12 EH3 K . 10.17 0.68 -14.29
C14 EH3 K . 9.88 2.82 -15.29
O4 EH3 K . 11.79 2.08 -13.82
C16 EH3 K . 12.21 3.32 -13.26
C18 EH3 K . 14.13 2.87 -11.64
N2 EH3 K . 13.34 3.76 -10.79
C19 EH3 K . 11.96 3.33 -10.72
S1 EH3 K . 14.00 4.33 -9.42
O5 EH3 K . 13.05 5.27 -8.86
O6 EH3 K . 15.29 4.87 -9.76
O7 EH3 K . 8.98 -0.85 -17.82
C23 EH3 K . 8.73 -3.60 -17.96
C25 EH3 K . 10.39 -5.32 -17.20
C27 EH3 K . 10.79 -5.59 -14.73
C29 EH3 K . 9.80 -3.47 -15.65
C30 EH3 K . 11.75 -6.13 -13.65
O8 EH3 K . 11.95 -7.32 -13.61
O9 EH3 K . 12.23 -5.37 -12.88
#